data_2EMY
#
_entry.id   2EMY
#
loop_
_entity.id
_entity.type
_entity.pdbx_description
1 polymer 'Zinc finger protein 268'
2 non-polymer 'ZINC ION'
#
_entity_poly.entity_id   1
_entity_poly.type   'polypeptide(L)'
_entity_poly.pdbx_seq_one_letter_code
;GSSGSSGTGENPYECHECGKAFSRKYQLISHQRTHAGEKPSGPSSG
;
_entity_poly.pdbx_strand_id   A
#
loop_
_chem_comp.id
_chem_comp.type
_chem_comp.name
_chem_comp.formula
ZN non-polymer 'ZINC ION' 'Zn 2'
#
# COMPACT_ATOMS: atom_id res chain seq x y z
N GLY A 1 18.01 21.31 -2.89
CA GLY A 1 18.22 21.69 -1.51
C GLY A 1 18.43 20.49 -0.61
N SER A 2 18.41 20.73 0.70
CA SER A 2 18.59 19.65 1.67
C SER A 2 17.49 19.68 2.74
N SER A 3 16.26 19.92 2.29
CA SER A 3 15.12 19.97 3.20
C SER A 3 14.08 18.91 2.85
N GLY A 4 14.28 17.71 3.40
CA GLY A 4 13.35 16.61 3.13
C GLY A 4 12.07 16.73 3.93
N SER A 5 11.09 17.43 3.38
CA SER A 5 9.80 17.61 4.06
C SER A 5 8.83 16.50 3.69
N SER A 6 8.79 15.46 4.52
CA SER A 6 7.89 14.33 4.28
C SER A 6 6.44 14.72 4.50
N GLY A 7 5.53 13.89 4.03
CA GLY A 7 4.10 14.16 4.18
C GLY A 7 3.35 13.00 4.81
N THR A 8 3.90 12.45 5.89
CA THR A 8 3.28 11.33 6.58
C THR A 8 2.99 11.68 8.03
N GLY A 9 1.71 11.82 8.36
CA GLY A 9 1.32 12.15 9.72
C GLY A 9 0.14 11.33 10.20
N GLU A 10 -1.02 11.56 9.61
CA GLU A 10 -2.23 10.83 9.98
C GLU A 10 -2.74 9.98 8.83
N ASN A 11 -2.11 8.83 8.62
CA ASN A 11 -2.50 7.93 7.54
C ASN A 11 -2.82 6.55 8.09
N PRO A 12 -4.08 6.36 8.52
CA PRO A 12 -4.55 5.08 9.08
C PRO A 12 -4.66 4.00 8.01
N TYR A 13 -4.41 4.37 6.76
CA TYR A 13 -4.48 3.43 5.66
C TYR A 13 -3.13 3.29 4.96
N GLU A 14 -2.43 2.20 5.27
CA GLU A 14 -1.11 1.96 4.67
C GLU A 14 -1.16 0.74 3.77
N CYS A 15 -0.40 0.79 2.68
CA CYS A 15 -0.35 -0.31 1.72
C CYS A 15 0.40 -1.51 2.32
N HIS A 16 -0.22 -2.69 2.21
CA HIS A 16 0.38 -3.91 2.74
C HIS A 16 1.25 -4.58 1.68
N GLU A 17 1.74 -3.80 0.72
CA GLU A 17 2.58 -4.33 -0.35
C GLU A 17 3.93 -3.63 -0.37
N CYS A 18 3.91 -2.30 -0.43
CA CYS A 18 5.14 -1.52 -0.46
C CYS A 18 5.37 -0.81 0.88
N GLY A 19 4.31 -0.20 1.41
CA GLY A 19 4.42 0.49 2.68
C GLY A 19 3.96 1.93 2.59
N LYS A 20 3.12 2.22 1.60
CA LYS A 20 2.61 3.58 1.41
C LYS A 20 1.59 3.94 2.48
N ALA A 21 1.19 5.19 2.51
CA ALA A 21 0.21 5.66 3.49
C ALA A 21 -0.79 6.63 2.85
N PHE A 22 -2.04 6.55 3.28
CA PHE A 22 -3.09 7.42 2.75
C PHE A 22 -4.01 7.89 3.86
N SER A 23 -4.72 8.99 3.61
CA SER A 23 -5.65 9.54 4.59
C SER A 23 -6.91 8.70 4.69
N ARG A 24 -7.53 8.43 3.54
CA ARG A 24 -8.75 7.64 3.49
C ARG A 24 -8.45 6.23 2.98
N LYS A 25 -9.46 5.35 3.07
CA LYS A 25 -9.31 3.97 2.63
C LYS A 25 -9.16 3.91 1.11
N TYR A 26 -10.05 4.59 0.40
CA TYR A 26 -10.02 4.61 -1.06
C TYR A 26 -8.68 5.13 -1.56
N GLN A 27 -8.18 6.18 -0.93
CA GLN A 27 -6.91 6.77 -1.31
C GLN A 27 -5.82 5.71 -1.43
N LEU A 28 -5.98 4.63 -0.68
CA LEU A 28 -5.02 3.54 -0.69
C LEU A 28 -5.34 2.53 -1.79
N ILE A 29 -6.61 2.15 -1.88
CA ILE A 29 -7.05 1.19 -2.88
C ILE A 29 -6.59 1.61 -4.28
N SER A 30 -6.78 2.88 -4.60
CA SER A 30 -6.39 3.41 -5.90
C SER A 30 -4.92 3.13 -6.18
N HIS A 31 -4.11 3.10 -5.12
CA HIS A 31 -2.69 2.84 -5.24
C HIS A 31 -2.43 1.36 -5.48
N GLN A 32 -3.04 0.51 -4.67
CA GLN A 32 -2.88 -0.93 -4.81
C GLN A 32 -3.08 -1.38 -6.25
N ARG A 33 -3.86 -0.60 -6.99
CA ARG A 33 -4.13 -0.91 -8.39
C ARG A 33 -2.84 -1.10 -9.17
N THR A 34 -1.80 -0.36 -8.78
CA THR A 34 -0.51 -0.44 -9.44
C THR A 34 0.14 -1.80 -9.22
N HIS A 35 -0.11 -2.39 -8.04
CA HIS A 35 0.45 -3.69 -7.70
C HIS A 35 -0.31 -4.81 -8.41
N ALA A 36 -1.58 -4.56 -8.69
CA ALA A 36 -2.41 -5.54 -9.37
C ALA A 36 -1.79 -5.98 -10.70
N GLY A 37 -1.53 -7.28 -10.83
CA GLY A 37 -0.94 -7.79 -12.05
C GLY A 37 -0.24 -9.12 -11.83
N GLU A 38 0.55 -9.20 -10.77
CA GLU A 38 1.28 -10.43 -10.46
C GLU A 38 1.55 -10.53 -8.96
N LYS A 39 1.68 -11.76 -8.47
CA LYS A 39 1.93 -12.01 -7.06
C LYS A 39 3.43 -12.02 -6.77
N PRO A 40 3.82 -11.39 -5.65
CA PRO A 40 5.23 -11.32 -5.23
C PRO A 40 5.77 -12.67 -4.79
N SER A 41 7.00 -12.67 -4.26
CA SER A 41 7.62 -13.89 -3.80
C SER A 41 7.63 -13.97 -2.28
N GLY A 42 6.61 -14.60 -1.71
CA GLY A 42 6.53 -14.73 -0.27
C GLY A 42 6.84 -16.13 0.21
N PRO A 43 5.81 -16.97 0.36
CA PRO A 43 5.96 -18.34 0.82
C PRO A 43 6.63 -19.23 -0.22
N SER A 44 7.16 -20.37 0.22
CA SER A 44 7.84 -21.30 -0.67
C SER A 44 8.95 -20.60 -1.44
N SER A 45 9.68 -19.73 -0.76
CA SER A 45 10.77 -18.99 -1.37
C SER A 45 11.55 -18.18 -0.34
N GLY A 46 12.64 -17.56 -0.78
CA GLY A 46 13.45 -16.77 0.14
C GLY A 46 12.83 -15.42 0.43
ZN ZN B . 1.86 -0.26 -2.41
N GLY A 1 24.10 3.15 14.07
CA GLY A 1 22.86 3.46 13.36
C GLY A 1 22.03 4.51 14.08
N SER A 2 21.13 5.15 13.35
CA SER A 2 20.27 6.17 13.91
C SER A 2 18.80 5.79 13.80
N SER A 3 18.15 5.65 14.94
CA SER A 3 16.73 5.28 14.96
C SER A 3 16.05 5.80 16.23
N GLY A 4 14.97 6.55 16.05
CA GLY A 4 14.25 7.10 17.19
C GLY A 4 12.94 7.75 16.77
N SER A 5 12.97 8.50 15.68
CA SER A 5 11.78 9.18 15.19
C SER A 5 10.54 8.31 15.37
N SER A 6 9.74 8.63 16.38
CA SER A 6 8.52 7.87 16.66
C SER A 6 7.29 8.64 16.19
N GLY A 7 7.39 9.23 15.01
CA GLY A 7 6.27 9.98 14.46
C GLY A 7 5.32 9.11 13.66
N THR A 8 4.03 9.21 13.97
CA THR A 8 3.02 8.43 13.27
C THR A 8 2.07 9.32 12.49
N GLY A 9 2.40 9.57 11.23
CA GLY A 9 1.56 10.42 10.40
C GLY A 9 0.11 10.02 10.45
N GLU A 10 -0.78 10.95 10.11
CA GLU A 10 -2.22 10.70 10.13
C GLU A 10 -2.63 9.87 8.92
N ASN A 11 -2.10 8.65 8.83
CA ASN A 11 -2.41 7.76 7.72
C ASN A 11 -2.83 6.39 8.23
N PRO A 12 -4.12 6.25 8.59
CA PRO A 12 -4.68 5.00 9.10
C PRO A 12 -4.76 3.93 8.03
N TYR A 13 -4.42 4.30 6.80
CA TYR A 13 -4.47 3.36 5.68
C TYR A 13 -3.11 3.27 4.99
N GLU A 14 -2.41 2.17 5.24
CA GLU A 14 -1.09 1.96 4.64
C GLU A 14 -1.09 0.75 3.71
N CYS A 15 -0.35 0.84 2.62
CA CYS A 15 -0.27 -0.24 1.65
C CYS A 15 0.54 -1.41 2.20
N HIS A 16 -0.08 -2.60 2.23
CA HIS A 16 0.57 -3.80 2.72
C HIS A 16 1.41 -4.46 1.64
N GLU A 17 1.82 -3.67 0.65
CA GLU A 17 2.62 -4.18 -0.45
C GLU A 17 3.98 -3.50 -0.50
N CYS A 18 3.98 -2.18 -0.46
CA CYS A 18 5.22 -1.41 -0.50
C CYS A 18 5.46 -0.71 0.84
N GLY A 19 4.42 -0.07 1.36
CA GLY A 19 4.55 0.63 2.63
C GLY A 19 4.09 2.07 2.54
N LYS A 20 3.17 2.34 1.62
CA LYS A 20 2.65 3.69 1.44
C LYS A 20 1.61 4.02 2.51
N ALA A 21 1.20 5.29 2.56
CA ALA A 21 0.22 5.73 3.53
C ALA A 21 -0.80 6.68 2.89
N PHE A 22 -2.05 6.56 3.30
CA PHE A 22 -3.12 7.41 2.77
C PHE A 22 -4.05 7.87 3.88
N SER A 23 -4.69 9.02 3.68
CA SER A 23 -5.60 9.58 4.66
C SER A 23 -6.88 8.74 4.75
N ARG A 24 -7.49 8.48 3.59
CA ARG A 24 -8.71 7.69 3.55
C ARG A 24 -8.43 6.26 3.07
N LYS A 25 -9.46 5.44 3.04
CA LYS A 25 -9.33 4.05 2.62
C LYS A 25 -9.17 3.97 1.09
N TYR A 26 -10.07 4.64 0.38
CA TYR A 26 -10.04 4.63 -1.08
C TYR A 26 -8.69 5.13 -1.59
N GLN A 27 -8.17 6.16 -0.95
CA GLN A 27 -6.89 6.74 -1.34
C GLN A 27 -5.81 5.67 -1.44
N LEU A 28 -5.97 4.60 -0.66
CA LEU A 28 -5.02 3.50 -0.66
C LEU A 28 -5.35 2.49 -1.76
N ILE A 29 -6.63 2.15 -1.88
CA ILE A 29 -7.08 1.21 -2.89
C ILE A 29 -6.59 1.61 -4.28
N SER A 30 -6.77 2.87 -4.62
CA SER A 30 -6.36 3.40 -5.92
C SER A 30 -4.88 3.09 -6.17
N HIS A 31 -4.09 3.13 -5.11
CA HIS A 31 -2.66 2.86 -5.22
C HIS A 31 -2.41 1.38 -5.47
N GLN A 32 -3.04 0.54 -4.66
CA GLN A 32 -2.88 -0.92 -4.79
C GLN A 32 -3.03 -1.34 -6.25
N ARG A 33 -3.91 -0.67 -6.99
CA ARG A 33 -4.15 -0.99 -8.38
C ARG A 33 -2.83 -1.19 -9.13
N THR A 34 -1.85 -0.35 -8.82
CA THR A 34 -0.54 -0.44 -9.46
C THR A 34 0.09 -1.81 -9.24
N HIS A 35 -0.10 -2.36 -8.04
CA HIS A 35 0.44 -3.68 -7.72
C HIS A 35 -0.30 -4.78 -8.47
N ALA A 36 -1.62 -4.65 -8.54
CA ALA A 36 -2.44 -5.63 -9.23
C ALA A 36 -1.81 -6.06 -10.55
N GLY A 37 -1.50 -7.35 -10.67
CA GLY A 37 -0.88 -7.86 -11.87
C GLY A 37 -1.26 -9.30 -12.14
N GLU A 38 -0.26 -10.17 -12.21
CA GLU A 38 -0.49 -11.59 -12.47
C GLU A 38 -0.34 -12.41 -11.18
N LYS A 39 -1.43 -12.53 -10.44
CA LYS A 39 -1.42 -13.29 -9.20
C LYS A 39 -0.98 -14.73 -9.44
N PRO A 40 -0.22 -15.28 -8.48
CA PRO A 40 0.29 -16.66 -8.56
C PRO A 40 -0.83 -17.70 -8.42
N SER A 41 -0.45 -18.97 -8.42
CA SER A 41 -1.41 -20.05 -8.30
C SER A 41 -2.48 -19.71 -7.27
N GLY A 42 -3.70 -20.17 -7.51
CA GLY A 42 -4.80 -19.91 -6.60
C GLY A 42 -5.50 -21.17 -6.16
N PRO A 43 -5.99 -21.18 -4.90
CA PRO A 43 -6.69 -22.33 -4.33
C PRO A 43 -8.07 -22.54 -4.95
N SER A 44 -8.48 -23.80 -5.06
CA SER A 44 -9.77 -24.12 -5.64
C SER A 44 -10.09 -23.21 -6.83
N SER A 45 -9.08 -22.98 -7.66
CA SER A 45 -9.25 -22.12 -8.83
C SER A 45 -10.29 -22.70 -9.79
N GLY A 46 -11.40 -21.99 -9.94
CA GLY A 46 -12.45 -22.45 -10.83
C GLY A 46 -12.06 -22.36 -12.29
ZN ZN B . 1.97 -0.13 -2.45
N GLY A 1 18.59 4.94 8.56
CA GLY A 1 18.51 5.11 10.00
C GLY A 1 17.15 5.60 10.46
N SER A 2 16.89 5.46 11.75
CA SER A 2 15.61 5.90 12.31
C SER A 2 15.82 6.99 13.36
N SER A 3 15.58 8.22 12.97
CA SER A 3 15.75 9.36 13.86
C SER A 3 14.52 10.26 13.84
N GLY A 4 13.51 9.88 14.61
CA GLY A 4 12.29 10.67 14.66
C GLY A 4 11.05 9.83 14.37
N SER A 5 10.37 9.40 15.42
CA SER A 5 9.17 8.59 15.26
C SER A 5 7.91 9.44 15.38
N SER A 6 7.90 10.32 16.37
CA SER A 6 6.76 11.20 16.60
C SER A 6 6.58 12.18 15.43
N GLY A 7 5.35 12.63 15.23
CA GLY A 7 5.07 13.56 14.16
C GLY A 7 4.46 12.88 12.95
N THR A 8 5.03 11.73 12.58
CA THR A 8 4.54 10.97 11.43
C THR A 8 3.74 9.76 11.87
N GLY A 9 2.48 9.68 11.42
CA GLY A 9 1.63 8.57 11.78
C GLY A 9 0.16 8.92 11.72
N GLU A 10 -0.21 9.78 10.78
CA GLU A 10 -1.60 10.19 10.62
C GLU A 10 -2.22 9.54 9.39
N ASN A 11 -1.85 8.29 9.13
CA ASN A 11 -2.38 7.56 7.99
C ASN A 11 -2.86 6.17 8.40
N PRO A 12 -4.16 6.06 8.70
CA PRO A 12 -4.78 4.80 9.12
C PRO A 12 -4.86 3.80 7.98
N TYR A 13 -4.46 4.22 6.79
CA TYR A 13 -4.49 3.36 5.61
C TYR A 13 -3.11 3.27 4.96
N GLU A 14 -2.43 2.15 5.19
CA GLU A 14 -1.10 1.95 4.64
C GLU A 14 -1.08 0.74 3.70
N CYS A 15 -0.33 0.85 2.62
CA CYS A 15 -0.23 -0.23 1.64
C CYS A 15 0.68 -1.35 2.15
N HIS A 16 0.07 -2.46 2.53
CA HIS A 16 0.83 -3.61 3.05
C HIS A 16 1.69 -4.22 1.95
N GLU A 17 1.55 -3.70 0.74
CA GLU A 17 2.31 -4.21 -0.40
C GLU A 17 3.71 -3.59 -0.43
N CYS A 18 3.77 -2.27 -0.35
CA CYS A 18 5.04 -1.55 -0.37
C CYS A 18 5.30 -0.87 0.96
N GLY A 19 4.27 -0.21 1.51
CA GLY A 19 4.41 0.48 2.77
C GLY A 19 3.97 1.92 2.69
N LYS A 20 3.16 2.23 1.69
CA LYS A 20 2.67 3.60 1.50
C LYS A 20 1.63 3.96 2.57
N ALA A 21 1.17 5.20 2.55
CA ALA A 21 0.18 5.67 3.51
C ALA A 21 -0.81 6.63 2.86
N PHE A 22 -2.06 6.57 3.30
CA PHE A 22 -3.10 7.43 2.76
C PHE A 22 -4.05 7.91 3.87
N SER A 23 -4.68 9.04 3.64
CA SER A 23 -5.61 9.61 4.62
C SER A 23 -6.88 8.79 4.69
N ARG A 24 -7.47 8.52 3.53
CA ARG A 24 -8.71 7.74 3.46
C ARG A 24 -8.42 6.32 2.98
N LYS A 25 -9.45 5.47 3.04
CA LYS A 25 -9.31 4.09 2.61
C LYS A 25 -9.15 4.00 1.10
N TYR A 26 -10.05 4.65 0.37
CA TYR A 26 -10.01 4.64 -1.08
C TYR A 26 -8.67 5.15 -1.60
N GLN A 27 -8.15 6.18 -0.95
CA GLN A 27 -6.87 6.76 -1.34
C GLN A 27 -5.79 5.69 -1.42
N LEU A 28 -5.97 4.61 -0.66
CA LEU A 28 -5.02 3.51 -0.66
C LEU A 28 -5.33 2.50 -1.75
N ILE A 29 -6.60 2.11 -1.84
CA ILE A 29 -7.04 1.15 -2.85
C ILE A 29 -6.58 1.57 -4.24
N SER A 30 -6.82 2.83 -4.59
CA SER A 30 -6.44 3.36 -5.89
C SER A 30 -4.96 3.10 -6.16
N HIS A 31 -4.16 3.13 -5.11
CA HIS A 31 -2.73 2.89 -5.24
C HIS A 31 -2.43 1.42 -5.49
N GLN A 32 -3.02 0.56 -4.66
CA GLN A 32 -2.83 -0.89 -4.80
C GLN A 32 -3.00 -1.33 -6.24
N ARG A 33 -3.88 -0.65 -6.96
CA ARG A 33 -4.14 -0.97 -8.36
C ARG A 33 -2.83 -1.18 -9.12
N THR A 34 -1.83 -0.36 -8.82
CA THR A 34 -0.53 -0.46 -9.47
C THR A 34 0.10 -1.82 -9.23
N HIS A 35 -0.08 -2.35 -8.03
CA HIS A 35 0.47 -3.66 -7.68
C HIS A 35 -0.25 -4.78 -8.43
N ALA A 36 -1.58 -4.69 -8.48
CA ALA A 36 -2.39 -5.69 -9.17
C ALA A 36 -1.66 -6.24 -10.39
N GLY A 37 -1.64 -7.55 -10.53
CA GLY A 37 -0.98 -8.17 -11.66
C GLY A 37 -1.72 -9.40 -12.15
N GLU A 38 -1.64 -10.49 -11.39
CA GLU A 38 -2.30 -11.73 -11.75
C GLU A 38 -2.75 -12.49 -10.51
N LYS A 39 -3.86 -13.23 -10.64
CA LYS A 39 -4.39 -14.01 -9.54
C LYS A 39 -4.53 -15.47 -9.92
N PRO A 40 -4.64 -16.34 -8.90
CA PRO A 40 -4.78 -17.79 -9.10
C PRO A 40 -6.13 -18.16 -9.70
N SER A 41 -6.94 -17.15 -9.98
CA SER A 41 -8.27 -17.37 -10.55
C SER A 41 -8.27 -17.08 -12.05
N GLY A 42 -8.14 -18.13 -12.86
CA GLY A 42 -8.13 -17.97 -14.30
C GLY A 42 -9.38 -18.51 -14.96
N PRO A 43 -9.40 -18.51 -16.30
CA PRO A 43 -10.55 -19.00 -17.07
C PRO A 43 -10.71 -20.51 -16.98
N SER A 44 -11.40 -20.96 -15.94
CA SER A 44 -11.62 -22.40 -15.74
C SER A 44 -13.02 -22.65 -15.19
N SER A 45 -13.75 -23.57 -15.83
CA SER A 45 -15.09 -23.90 -15.41
C SER A 45 -15.17 -24.08 -13.89
N GLY A 46 -16.06 -23.34 -13.26
CA GLY A 46 -16.21 -23.42 -11.81
C GLY A 46 -16.43 -24.84 -11.34
ZN ZN B . 1.81 -0.12 -2.55
N GLY A 1 21.80 2.56 6.07
CA GLY A 1 22.02 2.84 7.47
C GLY A 1 20.87 3.61 8.09
N SER A 2 20.76 3.54 9.42
CA SER A 2 19.69 4.24 10.13
C SER A 2 20.25 5.45 10.88
N SER A 3 19.63 6.61 10.65
CA SER A 3 20.06 7.84 11.31
C SER A 3 18.86 8.60 11.87
N GLY A 4 17.93 7.86 12.49
CA GLY A 4 16.76 8.47 13.08
C GLY A 4 15.54 7.58 12.98
N SER A 5 14.36 8.17 13.18
CA SER A 5 13.11 7.42 13.13
C SER A 5 12.21 7.94 12.01
N SER A 6 11.19 7.17 11.67
CA SER A 6 10.27 7.55 10.61
C SER A 6 9.53 8.83 10.98
N GLY A 7 8.85 8.81 12.12
CA GLY A 7 8.11 9.97 12.57
C GLY A 7 6.67 9.64 12.94
N THR A 8 5.77 10.59 12.71
CA THR A 8 4.37 10.40 13.02
C THR A 8 3.47 10.95 11.92
N GLY A 9 2.17 10.64 12.00
CA GLY A 9 1.24 11.12 11.00
C GLY A 9 -0.11 10.46 11.11
N GLU A 10 -1.11 11.01 10.42
CA GLU A 10 -2.46 10.46 10.45
C GLU A 10 -2.73 9.64 9.19
N ASN A 11 -2.10 8.47 9.10
CA ASN A 11 -2.28 7.59 7.95
C ASN A 11 -2.76 6.22 8.39
N PRO A 12 -4.07 6.12 8.70
CA PRO A 12 -4.70 4.86 9.13
C PRO A 12 -4.78 3.83 8.01
N TYR A 13 -4.41 4.25 6.81
CA TYR A 13 -4.45 3.38 5.64
C TYR A 13 -3.07 3.26 4.99
N GLU A 14 -2.43 2.12 5.18
CA GLU A 14 -1.10 1.90 4.61
C GLU A 14 -1.11 0.70 3.68
N CYS A 15 -0.33 0.78 2.60
CA CYS A 15 -0.25 -0.30 1.62
C CYS A 15 0.55 -1.48 2.18
N HIS A 16 -0.07 -2.65 2.22
CA HIS A 16 0.58 -3.85 2.72
C HIS A 16 1.41 -4.51 1.63
N GLU A 17 1.95 -3.70 0.73
CA GLU A 17 2.76 -4.22 -0.37
C GLU A 17 4.12 -3.51 -0.42
N CYS A 18 4.10 -2.19 -0.43
CA CYS A 18 5.31 -1.39 -0.48
C CYS A 18 5.56 -0.67 0.84
N GLY A 19 4.50 -0.08 1.38
CA GLY A 19 4.61 0.64 2.65
C GLY A 19 4.14 2.07 2.55
N LYS A 20 3.22 2.32 1.62
CA LYS A 20 2.68 3.66 1.42
C LYS A 20 1.65 3.99 2.49
N ALA A 21 1.19 5.24 2.50
CA ALA A 21 0.19 5.68 3.47
C ALA A 21 -0.80 6.65 2.83
N PHE A 22 -2.06 6.58 3.28
CA PHE A 22 -3.10 7.44 2.75
C PHE A 22 -4.05 7.89 3.86
N SER A 23 -4.73 9.01 3.63
CA SER A 23 -5.66 9.55 4.61
C SER A 23 -6.94 8.72 4.67
N ARG A 24 -7.52 8.47 3.51
CA ARG A 24 -8.75 7.69 3.42
C ARG A 24 -8.47 6.29 2.90
N LYS A 25 -9.45 5.40 3.04
CA LYS A 25 -9.30 4.03 2.58
C LYS A 25 -9.13 3.97 1.07
N TYR A 26 -10.06 4.61 0.35
CA TYR A 26 -10.02 4.63 -1.11
C TYR A 26 -8.67 5.14 -1.60
N GLN A 27 -8.16 6.18 -0.95
CA GLN A 27 -6.87 6.76 -1.32
C GLN A 27 -5.80 5.68 -1.41
N LEU A 28 -5.97 4.61 -0.66
CA LEU A 28 -5.02 3.51 -0.66
C LEU A 28 -5.34 2.50 -1.75
N ILE A 29 -6.62 2.14 -1.86
CA ILE A 29 -7.06 1.19 -2.86
C ILE A 29 -6.60 1.60 -4.26
N SER A 30 -6.82 2.87 -4.58
CA SER A 30 -6.44 3.40 -5.90
C SER A 30 -4.96 3.14 -6.17
N HIS A 31 -4.16 3.12 -5.10
CA HIS A 31 -2.73 2.88 -5.23
C HIS A 31 -2.45 1.40 -5.48
N GLN A 32 -3.08 0.54 -4.68
CA GLN A 32 -2.89 -0.90 -4.80
C GLN A 32 -3.07 -1.34 -6.26
N ARG A 33 -3.89 -0.61 -6.99
CA ARG A 33 -4.14 -0.93 -8.40
C ARG A 33 -2.84 -1.12 -9.16
N THR A 34 -1.82 -0.38 -8.77
CA THR A 34 -0.51 -0.46 -9.42
C THR A 34 0.13 -1.82 -9.18
N HIS A 35 -0.07 -2.36 -7.98
CA HIS A 35 0.50 -3.67 -7.63
C HIS A 35 -0.26 -4.79 -8.33
N ALA A 36 -1.58 -4.65 -8.40
CA ALA A 36 -2.41 -5.66 -9.05
C ALA A 36 -1.81 -6.10 -10.38
N GLY A 37 -1.30 -7.33 -10.41
CA GLY A 37 -0.70 -7.85 -11.63
C GLY A 37 -0.48 -9.34 -11.58
N GLU A 38 0.52 -9.77 -10.82
CA GLU A 38 0.83 -11.19 -10.68
C GLU A 38 -0.39 -11.97 -10.21
N LYS A 39 -1.10 -12.59 -11.14
CA LYS A 39 -2.28 -13.37 -10.81
C LYS A 39 -2.15 -14.81 -11.31
N PRO A 40 -2.78 -15.74 -10.59
CA PRO A 40 -2.74 -17.17 -10.94
C PRO A 40 -3.53 -17.48 -12.20
N SER A 41 -3.49 -18.73 -12.64
CA SER A 41 -4.21 -19.15 -13.83
C SER A 41 -5.70 -18.87 -13.71
N GLY A 42 -6.34 -18.57 -14.83
CA GLY A 42 -7.76 -18.28 -14.82
C GLY A 42 -8.07 -16.82 -15.09
N PRO A 43 -8.19 -16.46 -16.37
CA PRO A 43 -8.48 -15.09 -16.79
C PRO A 43 -9.90 -14.65 -16.43
N SER A 44 -10.03 -13.98 -15.29
CA SER A 44 -11.33 -13.51 -14.83
C SER A 44 -11.26 -12.06 -14.37
N SER A 45 -10.51 -11.25 -15.12
CA SER A 45 -10.35 -9.84 -14.80
C SER A 45 -11.61 -9.06 -15.16
N GLY A 46 -12.15 -8.33 -14.18
CA GLY A 46 -13.35 -7.56 -14.41
C GLY A 46 -13.09 -6.31 -15.24
ZN ZN B . 2.01 -0.06 -2.48
N GLY A 1 22.45 -1.41 1.73
CA GLY A 1 22.36 -0.61 2.94
C GLY A 1 21.00 0.02 3.13
N SER A 2 20.39 -0.19 4.29
CA SER A 2 19.08 0.36 4.57
C SER A 2 18.93 0.67 6.07
N SER A 3 18.02 1.57 6.39
CA SER A 3 17.78 1.95 7.78
C SER A 3 16.51 2.78 7.90
N GLY A 4 15.81 2.64 9.03
CA GLY A 4 14.59 3.38 9.25
C GLY A 4 13.37 2.49 9.25
N SER A 5 12.39 2.81 8.41
CA SER A 5 11.16 2.04 8.32
C SER A 5 10.36 2.14 9.61
N SER A 6 10.26 3.35 10.15
CA SER A 6 9.53 3.58 11.39
C SER A 6 9.34 5.08 11.63
N GLY A 7 8.19 5.43 12.21
CA GLY A 7 7.90 6.83 12.49
C GLY A 7 6.44 7.06 12.83
N THR A 8 6.04 8.33 12.81
CA THR A 8 4.66 8.69 13.11
C THR A 8 3.98 9.33 11.91
N GLY A 9 2.98 8.64 11.37
CA GLY A 9 2.26 9.16 10.22
C GLY A 9 0.76 9.14 10.41
N GLU A 10 0.11 10.27 10.14
CA GLU A 10 -1.33 10.39 10.30
C GLU A 10 -2.05 9.73 9.13
N ASN A 11 -1.75 8.45 8.90
CA ASN A 11 -2.36 7.71 7.81
C ASN A 11 -2.80 6.32 8.28
N PRO A 12 -4.10 6.20 8.62
CA PRO A 12 -4.67 4.94 9.10
C PRO A 12 -4.77 3.90 8.00
N TYR A 13 -4.42 4.30 6.77
CA TYR A 13 -4.47 3.41 5.62
C TYR A 13 -3.10 3.28 4.96
N GLU A 14 -2.42 2.16 5.23
CA GLU A 14 -1.11 1.93 4.66
C GLU A 14 -1.13 0.71 3.74
N CYS A 15 -0.32 0.77 2.68
CA CYS A 15 -0.24 -0.33 1.71
C CYS A 15 0.57 -1.48 2.28
N HIS A 16 -0.02 -2.67 2.30
CA HIS A 16 0.65 -3.86 2.81
C HIS A 16 1.50 -4.50 1.72
N GLU A 17 1.92 -3.70 0.75
CA GLU A 17 2.76 -4.20 -0.34
C GLU A 17 4.09 -3.46 -0.39
N CYS A 18 4.04 -2.14 -0.45
CA CYS A 18 5.24 -1.32 -0.50
C CYS A 18 5.49 -0.64 0.84
N GLY A 19 4.43 -0.09 1.42
CA GLY A 19 4.55 0.58 2.70
C GLY A 19 4.09 2.03 2.64
N LYS A 20 3.24 2.34 1.68
CA LYS A 20 2.73 3.69 1.52
C LYS A 20 1.65 4.00 2.55
N ALA A 21 1.21 5.25 2.59
CA ALA A 21 0.18 5.67 3.52
C ALA A 21 -0.81 6.63 2.86
N PHE A 22 -2.06 6.57 3.28
CA PHE A 22 -3.10 7.42 2.74
C PHE A 22 -4.05 7.90 3.82
N SER A 23 -4.70 9.04 3.60
CA SER A 23 -5.63 9.60 4.55
C SER A 23 -6.90 8.76 4.63
N ARG A 24 -7.51 8.50 3.48
CA ARG A 24 -8.73 7.71 3.42
C ARG A 24 -8.44 6.31 2.90
N LYS A 25 -9.43 5.42 3.03
CA LYS A 25 -9.29 4.04 2.58
C LYS A 25 -9.14 3.98 1.06
N TYR A 26 -10.05 4.64 0.35
CA TYR A 26 -10.02 4.66 -1.11
C TYR A 26 -8.68 5.16 -1.62
N GLN A 27 -8.15 6.17 -0.94
CA GLN A 27 -6.86 6.76 -1.33
C GLN A 27 -5.78 5.67 -1.42
N LEU A 28 -5.96 4.60 -0.65
CA LEU A 28 -5.00 3.51 -0.66
C LEU A 28 -5.34 2.49 -1.74
N ILE A 29 -6.61 2.15 -1.85
CA ILE A 29 -7.06 1.19 -2.86
C ILE A 29 -6.60 1.59 -4.25
N SER A 30 -6.81 2.86 -4.59
CA SER A 30 -6.41 3.36 -5.91
C SER A 30 -4.93 3.09 -6.17
N HIS A 31 -4.14 3.07 -5.10
CA HIS A 31 -2.70 2.83 -5.22
C HIS A 31 -2.44 1.34 -5.46
N GLN A 32 -3.07 0.49 -4.65
CA GLN A 32 -2.89 -0.95 -4.77
C GLN A 32 -3.09 -1.40 -6.22
N ARG A 33 -3.88 -0.64 -6.97
CA ARG A 33 -4.15 -0.97 -8.36
C ARG A 33 -2.86 -1.14 -9.14
N THR A 34 -1.85 -0.34 -8.80
CA THR A 34 -0.56 -0.40 -9.47
C THR A 34 0.12 -1.74 -9.24
N HIS A 35 -0.10 -2.31 -8.05
CA HIS A 35 0.49 -3.60 -7.71
C HIS A 35 -0.24 -4.75 -8.42
N ALA A 36 -1.56 -4.61 -8.52
CA ALA A 36 -2.38 -5.63 -9.17
C ALA A 36 -1.97 -5.81 -10.63
N GLY A 37 -1.66 -7.04 -11.01
CA GLY A 37 -1.27 -7.32 -12.38
C GLY A 37 -0.46 -8.60 -12.49
N GLU A 38 0.33 -8.70 -13.56
CA GLU A 38 1.17 -9.87 -13.79
C GLU A 38 2.40 -9.85 -12.89
N LYS A 39 2.22 -10.27 -11.64
CA LYS A 39 3.32 -10.29 -10.68
C LYS A 39 3.17 -11.46 -9.72
N PRO A 40 4.31 -11.99 -9.24
CA PRO A 40 4.32 -13.11 -8.30
C PRO A 40 3.82 -12.72 -6.92
N SER A 41 2.50 -12.76 -6.74
CA SER A 41 1.88 -12.40 -5.47
C SER A 41 1.16 -13.60 -4.86
N GLY A 42 0.60 -13.41 -3.68
CA GLY A 42 -0.11 -14.48 -3.00
C GLY A 42 -1.41 -14.01 -2.37
N PRO A 43 -2.09 -14.92 -1.68
CA PRO A 43 -3.37 -14.62 -1.01
C PRO A 43 -3.19 -13.69 0.19
N SER A 44 -4.01 -12.65 0.25
CA SER A 44 -3.94 -11.69 1.34
C SER A 44 -4.48 -12.30 2.63
N SER A 45 -3.62 -12.42 3.63
CA SER A 45 -4.01 -12.99 4.92
C SER A 45 -4.07 -11.91 6.00
N GLY A 46 -5.28 -11.53 6.39
CA GLY A 46 -5.44 -10.51 7.41
C GLY A 46 -5.01 -10.99 8.78
ZN ZN B . 1.98 -0.15 -2.41
N GLY A 1 23.40 9.38 7.60
CA GLY A 1 22.98 10.21 6.50
C GLY A 1 21.49 10.47 6.49
N SER A 2 21.03 11.32 7.41
CA SER A 2 19.61 11.64 7.52
C SER A 2 19.22 12.72 6.51
N SER A 3 18.46 12.33 5.50
CA SER A 3 18.03 13.26 4.46
C SER A 3 16.82 14.07 4.93
N GLY A 4 15.78 13.36 5.38
CA GLY A 4 14.57 14.03 5.85
C GLY A 4 13.35 13.14 5.77
N SER A 5 12.19 13.70 6.11
CA SER A 5 10.94 12.95 6.07
C SER A 5 10.44 12.79 4.64
N SER A 6 9.54 11.84 4.45
CA SER A 6 8.97 11.59 3.12
C SER A 6 7.46 11.75 3.14
N GLY A 7 6.98 12.78 3.83
CA GLY A 7 5.55 13.02 3.91
C GLY A 7 5.08 13.28 5.33
N THR A 8 3.85 12.90 5.62
CA THR A 8 3.28 13.09 6.95
C THR A 8 2.69 11.80 7.49
N GLY A 9 2.30 11.81 8.76
CA GLY A 9 1.71 10.63 9.37
C GLY A 9 0.20 10.66 9.34
N GLU A 10 -0.42 10.32 10.47
CA GLU A 10 -1.88 10.29 10.56
C GLU A 10 -2.49 9.57 9.37
N ASN A 11 -1.90 8.45 8.99
CA ASN A 11 -2.38 7.67 7.86
C ASN A 11 -2.85 6.29 8.32
N PRO A 12 -4.15 6.18 8.64
CA PRO A 12 -4.74 4.92 9.10
C PRO A 12 -4.84 3.88 7.98
N TYR A 13 -4.48 4.29 6.78
CA TYR A 13 -4.52 3.40 5.62
C TYR A 13 -3.16 3.30 4.95
N GLU A 14 -2.47 2.20 5.20
CA GLU A 14 -1.15 1.97 4.63
C GLU A 14 -1.16 0.75 3.70
N CYS A 15 -0.33 0.80 2.67
CA CYS A 15 -0.23 -0.30 1.71
C CYS A 15 0.67 -1.40 2.23
N HIS A 16 0.08 -2.55 2.55
CA HIS A 16 0.83 -3.69 3.05
C HIS A 16 1.69 -4.31 1.95
N GLU A 17 1.55 -3.80 0.74
CA GLU A 17 2.31 -4.30 -0.40
C GLU A 17 3.70 -3.67 -0.45
N CYS A 18 3.74 -2.34 -0.37
CA CYS A 18 5.00 -1.61 -0.41
C CYS A 18 5.26 -0.91 0.93
N GLY A 19 4.24 -0.27 1.46
CA GLY A 19 4.37 0.43 2.73
C GLY A 19 3.94 1.89 2.63
N LYS A 20 3.11 2.19 1.64
CA LYS A 20 2.62 3.55 1.44
C LYS A 20 1.59 3.92 2.50
N ALA A 21 1.20 5.18 2.52
CA ALA A 21 0.21 5.66 3.49
C ALA A 21 -0.77 6.63 2.83
N PHE A 22 -2.03 6.58 3.27
CA PHE A 22 -3.06 7.45 2.72
C PHE A 22 -4.00 7.92 3.83
N SER A 23 -4.71 9.01 3.57
CA SER A 23 -5.64 9.58 4.54
C SER A 23 -6.92 8.76 4.59
N ARG A 24 -7.52 8.52 3.42
CA ARG A 24 -8.75 7.75 3.34
C ARG A 24 -8.47 6.32 2.85
N LYS A 25 -9.43 5.43 3.06
CA LYS A 25 -9.30 4.05 2.64
C LYS A 25 -9.15 3.95 1.12
N TYR A 26 -10.04 4.62 0.41
CA TYR A 26 -10.01 4.61 -1.05
C TYR A 26 -8.67 5.13 -1.58
N GLN A 27 -8.15 6.16 -0.94
CA GLN A 27 -6.88 6.75 -1.34
C GLN A 27 -5.80 5.69 -1.43
N LEU A 28 -5.96 4.61 -0.66
CA LEU A 28 -5.00 3.52 -0.65
C LEU A 28 -5.32 2.49 -1.73
N ILE A 29 -6.61 2.16 -1.86
CA ILE A 29 -7.05 1.20 -2.86
C ILE A 29 -6.57 1.59 -4.26
N SER A 30 -6.80 2.85 -4.62
CA SER A 30 -6.38 3.35 -5.92
C SER A 30 -4.91 3.06 -6.19
N HIS A 31 -4.11 3.09 -5.12
CA HIS A 31 -2.69 2.82 -5.23
C HIS A 31 -2.42 1.33 -5.45
N GLN A 32 -3.08 0.50 -4.65
CA GLN A 32 -2.92 -0.94 -4.76
C GLN A 32 -3.07 -1.40 -6.20
N ARG A 33 -3.89 -0.68 -6.97
CA ARG A 33 -4.13 -1.02 -8.36
C ARG A 33 -2.81 -1.15 -9.12
N THR A 34 -1.84 -0.32 -8.75
CA THR A 34 -0.53 -0.34 -9.39
C THR A 34 0.18 -1.66 -9.16
N HIS A 35 -0.19 -2.35 -8.08
CA HIS A 35 0.42 -3.63 -7.75
C HIS A 35 -0.23 -4.76 -8.54
N ALA A 36 -1.55 -4.70 -8.68
CA ALA A 36 -2.29 -5.72 -9.42
C ALA A 36 -1.60 -6.05 -10.73
N GLY A 37 -1.51 -7.34 -11.04
CA GLY A 37 -0.87 -7.77 -12.26
C GLY A 37 -0.69 -9.28 -12.33
N GLU A 38 0.05 -9.83 -11.38
CA GLU A 38 0.30 -11.26 -11.34
C GLU A 38 0.82 -11.68 -9.96
N LYS A 39 0.98 -12.99 -9.77
CA LYS A 39 1.48 -13.52 -8.51
C LYS A 39 2.85 -12.96 -8.18
N PRO A 40 3.13 -12.80 -6.88
CA PRO A 40 4.41 -12.26 -6.40
C PRO A 40 5.57 -13.23 -6.64
N SER A 41 6.78 -12.75 -6.42
CA SER A 41 7.98 -13.58 -6.61
C SER A 41 8.15 -14.55 -5.45
N GLY A 42 7.90 -15.83 -5.72
CA GLY A 42 8.03 -16.84 -4.68
C GLY A 42 9.03 -17.92 -5.06
N PRO A 43 9.01 -19.03 -4.32
CA PRO A 43 9.92 -20.16 -4.55
C PRO A 43 9.60 -20.90 -5.84
N SER A 44 10.55 -21.70 -6.31
CA SER A 44 10.38 -22.47 -7.54
C SER A 44 9.89 -23.87 -7.24
N SER A 45 8.85 -24.30 -7.95
CA SER A 45 8.29 -25.64 -7.76
C SER A 45 8.98 -26.65 -8.65
N GLY A 46 9.54 -27.69 -8.03
CA GLY A 46 10.24 -28.71 -8.78
C GLY A 46 10.90 -29.74 -7.89
ZN ZN B . 1.72 -0.24 -2.52
N GLY A 1 21.02 -5.43 11.49
CA GLY A 1 21.03 -5.04 12.89
C GLY A 1 20.73 -3.56 13.07
N SER A 2 19.66 -3.27 13.80
CA SER A 2 19.26 -1.89 14.05
C SER A 2 18.10 -1.82 15.04
N SER A 3 18.04 -0.74 15.81
CA SER A 3 16.98 -0.56 16.80
C SER A 3 16.24 0.75 16.55
N GLY A 4 14.91 0.69 16.70
CA GLY A 4 14.10 1.88 16.50
C GLY A 4 12.62 1.57 16.46
N SER A 5 11.79 2.59 16.63
CA SER A 5 10.34 2.41 16.62
C SER A 5 9.64 3.73 16.29
N SER A 6 8.58 3.64 15.50
CA SER A 6 7.82 4.82 15.10
C SER A 6 6.34 4.48 14.92
N GLY A 7 5.54 5.50 14.65
CA GLY A 7 4.11 5.29 14.46
C GLY A 7 3.41 6.53 13.93
N THR A 8 2.48 6.33 13.00
CA THR A 8 1.74 7.44 12.42
C THR A 8 0.24 7.24 12.56
N GLY A 9 -0.52 8.31 12.41
CA GLY A 9 -1.97 8.22 12.52
C GLY A 9 -2.68 8.89 11.37
N GLU A 10 -2.25 10.10 11.02
CA GLU A 10 -2.86 10.85 9.93
C GLU A 10 -3.19 9.92 8.76
N ASN A 11 -2.41 8.86 8.61
CA ASN A 11 -2.62 7.91 7.53
C ASN A 11 -2.98 6.53 8.09
N PRO A 12 -4.25 6.35 8.46
CA PRO A 12 -4.75 5.09 9.01
C PRO A 12 -4.80 3.98 7.97
N TYR A 13 -4.49 4.34 6.72
CA TYR A 13 -4.51 3.37 5.63
C TYR A 13 -3.13 3.26 4.98
N GLU A 14 -2.44 2.16 5.23
CA GLU A 14 -1.12 1.95 4.67
C GLU A 14 -1.12 0.74 3.72
N CYS A 15 -0.31 0.83 2.66
CA CYS A 15 -0.23 -0.24 1.68
C CYS A 15 0.67 -1.37 2.19
N HIS A 16 0.06 -2.50 2.53
CA HIS A 16 0.80 -3.65 3.03
C HIS A 16 1.65 -4.27 1.93
N GLU A 17 1.55 -3.70 0.73
CA GLU A 17 2.31 -4.20 -0.42
C GLU A 17 3.71 -3.61 -0.44
N CYS A 18 3.79 -2.29 -0.32
CA CYS A 18 5.08 -1.59 -0.33
C CYS A 18 5.33 -0.91 1.02
N GLY A 19 4.31 -0.22 1.52
CA GLY A 19 4.44 0.47 2.80
C GLY A 19 4.00 1.92 2.71
N LYS A 20 3.20 2.24 1.70
CA LYS A 20 2.70 3.59 1.51
C LYS A 20 1.68 3.95 2.58
N ALA A 21 1.19 5.19 2.55
CA ALA A 21 0.21 5.66 3.51
C ALA A 21 -0.79 6.61 2.86
N PHE A 22 -2.03 6.54 3.29
CA PHE A 22 -3.08 7.40 2.75
C PHE A 22 -4.02 7.88 3.86
N SER A 23 -4.68 9.01 3.62
CA SER A 23 -5.61 9.57 4.60
C SER A 23 -6.89 8.76 4.65
N ARG A 24 -7.46 8.48 3.48
CA ARG A 24 -8.69 7.72 3.39
C ARG A 24 -8.43 6.31 2.87
N LYS A 25 -9.41 5.43 3.05
CA LYS A 25 -9.28 4.05 2.59
C LYS A 25 -9.13 3.98 1.07
N TYR A 26 -10.05 4.62 0.36
CA TYR A 26 -10.02 4.64 -1.10
C TYR A 26 -8.66 5.14 -1.60
N GLN A 27 -8.14 6.17 -0.95
CA GLN A 27 -6.86 6.74 -1.35
C GLN A 27 -5.78 5.66 -1.43
N LEU A 28 -5.96 4.59 -0.66
CA LEU A 28 -5.01 3.49 -0.65
C LEU A 28 -5.34 2.48 -1.74
N ILE A 29 -6.62 2.12 -1.84
CA ILE A 29 -7.06 1.16 -2.85
C ILE A 29 -6.61 1.57 -4.24
N SER A 30 -6.82 2.84 -4.58
CA SER A 30 -6.43 3.37 -5.89
C SER A 30 -4.95 3.09 -6.16
N HIS A 31 -4.14 3.14 -5.11
CA HIS A 31 -2.70 2.88 -5.25
C HIS A 31 -2.43 1.41 -5.51
N GLN A 32 -3.00 0.56 -4.68
CA GLN A 32 -2.82 -0.89 -4.82
C GLN A 32 -2.99 -1.32 -6.27
N ARG A 33 -3.90 -0.65 -6.98
CA ARG A 33 -4.16 -0.96 -8.38
C ARG A 33 -2.86 -1.18 -9.14
N THR A 34 -1.87 -0.35 -8.84
CA THR A 34 -0.57 -0.45 -9.50
C THR A 34 0.10 -1.80 -9.21
N HIS A 35 -0.13 -2.30 -8.00
CA HIS A 35 0.46 -3.58 -7.60
C HIS A 35 -0.24 -4.74 -8.30
N ALA A 36 -1.57 -4.66 -8.39
CA ALA A 36 -2.34 -5.71 -9.04
C ALA A 36 -1.70 -6.13 -10.36
N GLY A 37 -1.95 -7.38 -10.76
CA GLY A 37 -1.39 -7.89 -12.00
C GLY A 37 -0.69 -9.21 -11.82
N GLU A 38 0.63 -9.20 -11.85
CA GLU A 38 1.42 -10.41 -11.68
C GLU A 38 1.19 -11.03 -10.30
N LYS A 39 0.19 -11.90 -10.21
CA LYS A 39 -0.15 -12.57 -8.96
C LYS A 39 0.41 -13.98 -8.93
N PRO A 40 0.71 -14.49 -7.72
CA PRO A 40 1.24 -15.84 -7.53
C PRO A 40 0.22 -16.91 -7.83
N SER A 41 0.62 -18.18 -7.69
CA SER A 41 -0.26 -19.30 -7.95
C SER A 41 -0.65 -19.99 -6.65
N GLY A 42 0.33 -20.55 -5.95
CA GLY A 42 0.07 -21.23 -4.70
C GLY A 42 -0.99 -20.53 -3.87
N PRO A 43 -1.86 -21.32 -3.21
CA PRO A 43 -2.93 -20.78 -2.37
C PRO A 43 -2.40 -20.14 -1.09
N SER A 44 -2.74 -18.87 -0.90
CA SER A 44 -2.29 -18.13 0.28
C SER A 44 -3.42 -18.00 1.30
N SER A 45 -4.58 -17.57 0.83
CA SER A 45 -5.75 -17.39 1.69
C SER A 45 -6.43 -18.72 1.95
N GLY A 46 -6.11 -19.33 3.10
CA GLY A 46 -6.71 -20.60 3.45
C GLY A 46 -7.84 -20.46 4.45
ZN ZN B . 1.82 -0.10 -2.50
N GLY A 1 23.27 0.30 6.13
CA GLY A 1 22.79 1.59 6.58
C GLY A 1 21.29 1.75 6.39
N SER A 2 20.52 0.78 6.87
CA SER A 2 19.08 0.82 6.73
C SER A 2 18.45 1.63 7.86
N SER A 3 17.43 2.41 7.53
CA SER A 3 16.74 3.24 8.51
C SER A 3 15.24 2.97 8.51
N GLY A 4 14.56 3.43 9.54
CA GLY A 4 13.12 3.23 9.64
C GLY A 4 12.47 4.16 10.65
N SER A 5 13.09 4.28 11.82
CA SER A 5 12.56 5.14 12.87
C SER A 5 11.96 6.41 12.29
N SER A 6 10.67 6.62 12.54
CA SER A 6 9.97 7.80 12.04
C SER A 6 8.81 8.17 12.95
N GLY A 7 8.33 9.41 12.80
CA GLY A 7 7.22 9.87 13.63
C GLY A 7 5.88 9.42 13.11
N THR A 8 5.08 8.79 13.96
CA THR A 8 3.77 8.31 13.57
C THR A 8 3.02 9.35 12.75
N GLY A 9 2.59 8.97 11.56
CA GLY A 9 1.86 9.89 10.70
C GLY A 9 0.36 9.78 10.88
N GLU A 10 -0.38 10.62 10.16
CA GLU A 10 -1.84 10.62 10.24
C GLU A 10 -2.44 9.84 9.09
N ASN A 11 -1.89 8.66 8.81
CA ASN A 11 -2.37 7.82 7.72
C ASN A 11 -2.77 6.44 8.23
N PRO A 12 -4.04 6.30 8.62
CA PRO A 12 -4.57 5.03 9.13
C PRO A 12 -4.67 3.96 8.05
N TYR A 13 -4.37 4.34 6.82
CA TYR A 13 -4.43 3.42 5.70
C TYR A 13 -3.06 3.29 5.02
N GLU A 14 -2.44 2.13 5.18
CA GLU A 14 -1.14 1.87 4.59
C GLU A 14 -1.18 0.67 3.66
N CYS A 15 -0.39 0.72 2.59
CA CYS A 15 -0.34 -0.37 1.62
C CYS A 15 0.46 -1.55 2.17
N HIS A 16 -0.18 -2.71 2.22
CA HIS A 16 0.47 -3.92 2.71
C HIS A 16 1.27 -4.60 1.61
N GLU A 17 1.80 -3.80 0.69
CA GLU A 17 2.58 -4.33 -0.43
C GLU A 17 3.94 -3.63 -0.51
N CYS A 18 3.91 -2.30 -0.47
CA CYS A 18 5.13 -1.50 -0.55
C CYS A 18 5.41 -0.80 0.77
N GLY A 19 4.37 -0.17 1.33
CA GLY A 19 4.53 0.54 2.59
C GLY A 19 4.06 1.98 2.51
N LYS A 20 3.20 2.26 1.53
CA LYS A 20 2.68 3.62 1.34
C LYS A 20 1.64 3.95 2.41
N ALA A 21 1.18 5.18 2.42
CA ALA A 21 0.18 5.63 3.39
C ALA A 21 -0.81 6.59 2.76
N PHE A 22 -2.05 6.56 3.24
CA PHE A 22 -3.10 7.43 2.72
C PHE A 22 -4.03 7.89 3.84
N SER A 23 -4.69 9.02 3.62
CA SER A 23 -5.61 9.56 4.61
C SER A 23 -6.90 8.74 4.68
N ARG A 24 -7.50 8.49 3.52
CA ARG A 24 -8.72 7.71 3.46
C ARG A 24 -8.45 6.29 2.96
N LYS A 25 -9.45 5.42 3.08
CA LYS A 25 -9.31 4.04 2.64
C LYS A 25 -9.19 3.96 1.13
N TYR A 26 -10.07 4.67 0.42
CA TYR A 26 -10.06 4.67 -1.03
C TYR A 26 -8.72 5.18 -1.57
N GLN A 27 -8.18 6.20 -0.92
CA GLN A 27 -6.91 6.77 -1.33
C GLN A 27 -5.82 5.70 -1.43
N LEU A 28 -5.99 4.63 -0.66
CA LEU A 28 -5.04 3.53 -0.66
C LEU A 28 -5.37 2.53 -1.76
N ILE A 29 -6.63 2.16 -1.85
CA ILE A 29 -7.08 1.21 -2.86
C ILE A 29 -6.60 1.61 -4.25
N SER A 30 -6.83 2.87 -4.60
CA SER A 30 -6.42 3.38 -5.90
C SER A 30 -4.95 3.09 -6.17
N HIS A 31 -4.14 3.10 -5.11
CA HIS A 31 -2.72 2.83 -5.23
C HIS A 31 -2.46 1.34 -5.47
N GLN A 32 -3.09 0.51 -4.65
CA GLN A 32 -2.93 -0.94 -4.78
C GLN A 32 -3.07 -1.38 -6.23
N ARG A 33 -3.85 -0.62 -7.00
CA ARG A 33 -4.07 -0.93 -8.41
C ARG A 33 -2.74 -1.12 -9.14
N THR A 34 -1.75 -0.33 -8.76
CA THR A 34 -0.43 -0.41 -9.38
C THR A 34 0.19 -1.78 -9.16
N HIS A 35 -0.07 -2.37 -8.00
CA HIS A 35 0.47 -3.68 -7.67
C HIS A 35 -0.20 -4.77 -8.50
N ALA A 36 -1.50 -4.61 -8.74
CA ALA A 36 -2.26 -5.58 -9.52
C ALA A 36 -1.58 -5.85 -10.86
N GLY A 37 -1.92 -6.97 -11.47
CA GLY A 37 -1.34 -7.33 -12.76
C GLY A 37 -1.12 -8.83 -12.90
N GLU A 38 -1.16 -9.53 -11.78
CA GLU A 38 -0.95 -10.98 -11.78
C GLU A 38 -2.29 -11.71 -11.65
N LYS A 39 -2.22 -13.04 -11.63
CA LYS A 39 -3.42 -13.87 -11.51
C LYS A 39 -3.40 -14.66 -10.21
N PRO A 40 -4.59 -14.92 -9.65
CA PRO A 40 -4.74 -15.67 -8.40
C PRO A 40 -4.39 -17.15 -8.57
N SER A 41 -4.55 -17.91 -7.49
CA SER A 41 -4.25 -19.34 -7.52
C SER A 41 -5.36 -20.12 -8.22
N GLY A 42 -5.70 -19.68 -9.44
CA GLY A 42 -6.73 -20.35 -10.20
C GLY A 42 -6.98 -19.69 -11.55
N PRO A 43 -7.36 -20.50 -12.54
CA PRO A 43 -7.62 -20.02 -13.90
C PRO A 43 -8.88 -19.18 -13.98
N SER A 44 -8.70 -17.86 -14.04
CA SER A 44 -9.82 -16.93 -14.11
C SER A 44 -9.63 -15.92 -15.25
N SER A 45 -10.74 -15.40 -15.76
CA SER A 45 -10.69 -14.43 -16.85
C SER A 45 -11.92 -13.54 -16.83
N GLY A 46 -11.70 -12.23 -16.70
CA GLY A 46 -12.80 -11.29 -16.67
C GLY A 46 -12.35 -9.86 -16.86
ZN ZN B . 1.87 -0.25 -2.51
N GLY A 1 12.24 6.79 19.77
CA GLY A 1 11.96 6.71 18.35
C GLY A 1 11.19 7.92 17.83
N SER A 2 11.91 8.99 17.54
CA SER A 2 11.28 10.22 17.05
C SER A 2 10.71 10.01 15.65
N SER A 3 9.38 9.88 15.57
CA SER A 3 8.71 9.69 14.29
C SER A 3 7.88 10.89 13.91
N GLY A 4 7.60 11.04 12.62
CA GLY A 4 6.81 12.16 12.15
C GLY A 4 5.34 12.01 12.46
N SER A 5 4.96 12.30 13.70
CA SER A 5 3.56 12.18 14.13
C SER A 5 3.15 13.39 14.96
N SER A 6 2.20 14.16 14.45
CA SER A 6 1.71 15.35 15.14
C SER A 6 0.19 15.35 15.19
N GLY A 7 -0.37 14.64 16.17
CA GLY A 7 -1.81 14.59 16.30
C GLY A 7 -2.52 14.45 14.97
N THR A 8 -3.04 15.56 14.45
CA THR A 8 -3.75 15.54 13.18
C THR A 8 -2.77 15.45 12.00
N GLY A 9 -2.52 14.23 11.55
CA GLY A 9 -1.61 14.02 10.44
C GLY A 9 -1.11 12.60 10.36
N GLU A 10 -1.99 11.65 10.63
CA GLU A 10 -1.63 10.23 10.59
C GLU A 10 -2.35 9.51 9.45
N ASN A 11 -1.71 8.47 8.92
CA ASN A 11 -2.31 7.71 7.83
C ASN A 11 -2.73 6.32 8.31
N PRO A 12 -4.02 6.19 8.68
CA PRO A 12 -4.58 4.93 9.16
C PRO A 12 -4.70 3.89 8.05
N TYR A 13 -4.36 4.29 6.83
CA TYR A 13 -4.43 3.39 5.69
C TYR A 13 -3.07 3.27 5.01
N GLU A 14 -2.38 2.17 5.27
CA GLU A 14 -1.06 1.93 4.69
C GLU A 14 -1.09 0.71 3.78
N CYS A 15 -0.37 0.79 2.65
CA CYS A 15 -0.32 -0.31 1.71
C CYS A 15 0.46 -1.49 2.28
N HIS A 16 -0.16 -2.67 2.26
CA HIS A 16 0.46 -3.88 2.78
C HIS A 16 1.31 -4.56 1.71
N GLU A 17 1.74 -3.79 0.71
CA GLU A 17 2.55 -4.33 -0.37
C GLU A 17 3.89 -3.61 -0.46
N CYS A 18 3.85 -2.28 -0.44
CA CYS A 18 5.06 -1.48 -0.52
C CYS A 18 5.34 -0.78 0.81
N GLY A 19 4.30 -0.16 1.38
CA GLY A 19 4.46 0.53 2.64
C GLY A 19 4.02 1.98 2.56
N LYS A 20 3.14 2.28 1.62
CA LYS A 20 2.65 3.64 1.45
C LYS A 20 1.62 3.98 2.51
N ALA A 21 1.17 5.24 2.52
CA ALA A 21 0.18 5.69 3.49
C ALA A 21 -0.82 6.64 2.83
N PHE A 22 -2.08 6.55 3.27
CA PHE A 22 -3.14 7.39 2.73
C PHE A 22 -4.08 7.85 3.83
N SER A 23 -4.70 9.01 3.62
CA SER A 23 -5.62 9.57 4.60
C SER A 23 -6.90 8.74 4.69
N ARG A 24 -7.50 8.46 3.54
CA ARG A 24 -8.73 7.67 3.49
C ARG A 24 -8.43 6.26 2.98
N LYS A 25 -9.42 5.38 3.10
CA LYS A 25 -9.28 4.00 2.65
C LYS A 25 -9.16 3.94 1.13
N TYR A 26 -10.08 4.61 0.44
CA TYR A 26 -10.07 4.63 -1.02
C TYR A 26 -8.74 5.14 -1.55
N GLN A 27 -8.22 6.18 -0.91
CA GLN A 27 -6.94 6.77 -1.32
C GLN A 27 -5.87 5.70 -1.45
N LEU A 28 -6.00 4.64 -0.67
CA LEU A 28 -5.03 3.54 -0.70
C LEU A 28 -5.36 2.55 -1.81
N ILE A 29 -6.63 2.16 -1.89
CA ILE A 29 -7.08 1.22 -2.91
C ILE A 29 -6.59 1.63 -4.30
N SER A 30 -6.82 2.90 -4.64
CA SER A 30 -6.41 3.41 -5.94
C SER A 30 -4.94 3.11 -6.21
N HIS A 31 -4.13 3.17 -5.15
CA HIS A 31 -2.71 2.89 -5.27
C HIS A 31 -2.46 1.40 -5.53
N GLN A 32 -3.01 0.56 -4.67
CA GLN A 32 -2.85 -0.88 -4.80
C GLN A 32 -3.02 -1.32 -6.26
N ARG A 33 -3.80 -0.55 -7.01
CA ARG A 33 -4.05 -0.85 -8.41
C ARG A 33 -2.75 -1.13 -9.15
N THR A 34 -1.72 -0.36 -8.82
CA THR A 34 -0.41 -0.52 -9.45
C THR A 34 0.16 -1.91 -9.21
N HIS A 35 -0.11 -2.44 -8.01
CA HIS A 35 0.38 -3.77 -7.65
C HIS A 35 -0.43 -4.86 -8.37
N ALA A 36 -1.71 -4.61 -8.55
CA ALA A 36 -2.59 -5.56 -9.23
C ALA A 36 -2.21 -5.71 -10.69
N GLY A 37 -1.23 -6.58 -10.96
CA GLY A 37 -0.80 -6.80 -12.32
C GLY A 37 0.70 -6.98 -12.43
N GLU A 38 1.23 -7.95 -11.70
CA GLU A 38 2.67 -8.22 -11.71
C GLU A 38 2.94 -9.71 -11.59
N LYS A 39 4.21 -10.08 -11.65
CA LYS A 39 4.61 -11.48 -11.56
C LYS A 39 4.43 -12.01 -10.14
N PRO A 40 4.03 -13.29 -10.03
CA PRO A 40 3.81 -13.94 -8.74
C PRO A 40 5.10 -14.17 -7.97
N SER A 41 5.35 -13.33 -6.97
CA SER A 41 6.55 -13.43 -6.15
C SER A 41 6.35 -14.42 -5.01
N GLY A 42 5.24 -14.27 -4.30
CA GLY A 42 4.94 -15.16 -3.18
C GLY A 42 3.65 -15.91 -3.38
N PRO A 43 3.43 -16.94 -2.54
CA PRO A 43 2.23 -17.78 -2.59
C PRO A 43 0.98 -17.01 -2.15
N SER A 44 -0.19 -17.57 -2.46
CA SER A 44 -1.46 -16.95 -2.11
C SER A 44 -1.96 -17.48 -0.75
N SER A 45 -2.00 -18.80 -0.63
CA SER A 45 -2.46 -19.42 0.61
C SER A 45 -1.46 -19.20 1.74
N GLY A 46 -0.20 -19.46 1.47
CA GLY A 46 0.83 -19.28 2.47
C GLY A 46 0.68 -17.97 3.23
ZN ZN B . 1.74 -0.25 -2.50
N GLY A 1 19.37 1.39 1.59
CA GLY A 1 18.54 2.50 1.99
C GLY A 1 17.47 2.10 2.99
N SER A 2 17.90 1.52 4.10
CA SER A 2 16.98 1.09 5.14
C SER A 2 16.26 2.29 5.78
N SER A 3 14.95 2.32 5.64
CA SER A 3 14.15 3.41 6.20
C SER A 3 12.72 2.95 6.49
N GLY A 4 12.03 3.71 7.34
CA GLY A 4 10.66 3.36 7.69
C GLY A 4 10.16 4.11 8.89
N SER A 5 9.61 5.31 8.65
CA SER A 5 9.10 6.14 9.74
C SER A 5 8.04 5.40 10.54
N SER A 6 8.29 5.26 11.84
CA SER A 6 7.37 4.56 12.73
C SER A 6 5.93 5.01 12.48
N GLY A 7 5.75 6.32 12.36
CA GLY A 7 4.42 6.86 12.11
C GLY A 7 4.40 8.38 12.14
N THR A 8 4.68 8.99 10.98
CA THR A 8 4.71 10.44 10.87
C THR A 8 3.56 10.93 9.99
N GLY A 9 2.40 11.17 10.61
CA GLY A 9 1.24 11.65 9.89
C GLY A 9 0.02 10.78 10.10
N GLU A 10 -1.15 11.39 10.03
CA GLU A 10 -2.40 10.67 10.22
C GLU A 10 -2.74 9.83 8.99
N ASN A 11 -2.17 8.64 8.92
CA ASN A 11 -2.41 7.73 7.80
C ASN A 11 -2.89 6.37 8.28
N PRO A 12 -4.19 6.28 8.59
CA PRO A 12 -4.79 5.03 9.07
C PRO A 12 -4.88 3.96 7.98
N TYR A 13 -4.51 4.34 6.77
CA TYR A 13 -4.54 3.42 5.63
C TYR A 13 -3.17 3.31 4.98
N GLU A 14 -2.49 2.20 5.23
CA GLU A 14 -1.16 1.97 4.68
C GLU A 14 -1.17 0.77 3.74
N CYS A 15 -0.35 0.82 2.70
CA CYS A 15 -0.25 -0.27 1.74
C CYS A 15 0.62 -1.40 2.27
N HIS A 16 0.00 -2.53 2.56
CA HIS A 16 0.72 -3.70 3.08
C HIS A 16 1.59 -4.32 2.00
N GLU A 17 1.49 -3.79 0.79
CA GLU A 17 2.28 -4.29 -0.33
C GLU A 17 3.67 -3.68 -0.34
N CYS A 18 3.72 -2.35 -0.30
CA CYS A 18 5.00 -1.63 -0.31
C CYS A 18 5.24 -0.96 1.04
N GLY A 19 4.23 -0.28 1.55
CA GLY A 19 4.35 0.40 2.83
C GLY A 19 3.96 1.86 2.74
N LYS A 20 3.12 2.20 1.78
CA LYS A 20 2.66 3.57 1.59
C LYS A 20 1.61 3.94 2.63
N ALA A 21 1.19 5.20 2.62
CA ALA A 21 0.19 5.68 3.55
C ALA A 21 -0.79 6.64 2.87
N PHE A 22 -2.05 6.57 3.28
CA PHE A 22 -3.08 7.44 2.70
C PHE A 22 -4.02 7.95 3.79
N SER A 23 -4.69 9.07 3.52
CA SER A 23 -5.62 9.65 4.47
C SER A 23 -6.90 8.82 4.56
N ARG A 24 -7.50 8.53 3.41
CA ARG A 24 -8.72 7.73 3.38
C ARG A 24 -8.44 6.32 2.87
N LYS A 25 -9.40 5.42 3.07
CA LYS A 25 -9.26 4.04 2.62
C LYS A 25 -9.11 3.97 1.11
N TYR A 26 -10.03 4.61 0.40
CA TYR A 26 -10.00 4.61 -1.06
C TYR A 26 -8.65 5.11 -1.57
N GLN A 27 -8.14 6.17 -0.95
CA GLN A 27 -6.85 6.74 -1.34
C GLN A 27 -5.78 5.66 -1.43
N LEU A 28 -5.95 4.59 -0.65
CA LEU A 28 -5.01 3.49 -0.65
C LEU A 28 -5.33 2.47 -1.74
N ILE A 29 -6.60 2.11 -1.84
CA ILE A 29 -7.05 1.15 -2.85
C ILE A 29 -6.58 1.56 -4.23
N SER A 30 -6.78 2.83 -4.57
CA SER A 30 -6.38 3.34 -5.87
C SER A 30 -4.90 3.04 -6.15
N HIS A 31 -4.09 3.13 -5.10
CA HIS A 31 -2.66 2.85 -5.23
C HIS A 31 -2.40 1.37 -5.49
N GLN A 32 -3.02 0.51 -4.69
CA GLN A 32 -2.85 -0.92 -4.83
C GLN A 32 -3.03 -1.35 -6.29
N ARG A 33 -3.91 -0.65 -7.00
CA ARG A 33 -4.18 -0.95 -8.40
C ARG A 33 -2.88 -1.13 -9.17
N THR A 34 -1.87 -0.35 -8.81
CA THR A 34 -0.57 -0.42 -9.47
C THR A 34 0.09 -1.77 -9.24
N HIS A 35 -0.13 -2.34 -8.06
CA HIS A 35 0.45 -3.63 -7.72
C HIS A 35 -0.25 -4.76 -8.48
N ALA A 36 -1.57 -4.68 -8.56
CA ALA A 36 -2.36 -5.69 -9.25
C ALA A 36 -1.71 -6.05 -10.60
N GLY A 37 -1.86 -7.31 -10.99
CA GLY A 37 -1.29 -7.75 -12.25
C GLY A 37 -1.31 -9.27 -12.40
N GLU A 38 -0.16 -9.90 -12.18
CA GLU A 38 -0.07 -11.35 -12.28
C GLU A 38 -1.17 -12.03 -11.50
N LYS A 39 -2.12 -12.63 -12.22
CA LYS A 39 -3.24 -13.32 -11.59
C LYS A 39 -2.94 -14.80 -11.43
N PRO A 40 -3.26 -15.35 -10.24
CA PRO A 40 -3.04 -16.77 -9.93
C PRO A 40 -3.96 -17.68 -10.72
N SER A 41 -4.77 -17.10 -11.61
CA SER A 41 -5.70 -17.86 -12.42
C SER A 41 -5.23 -17.92 -13.87
N GLY A 42 -5.07 -16.76 -14.48
CA GLY A 42 -4.63 -16.70 -15.86
C GLY A 42 -5.36 -15.65 -16.67
N PRO A 43 -4.74 -15.19 -17.76
CA PRO A 43 -5.33 -14.18 -18.64
C PRO A 43 -6.52 -14.71 -19.42
N SER A 44 -7.72 -14.34 -18.99
CA SER A 44 -8.94 -14.79 -19.65
C SER A 44 -9.82 -13.60 -20.02
N SER A 45 -10.50 -13.70 -21.15
CA SER A 45 -11.37 -12.63 -21.63
C SER A 45 -12.69 -12.63 -20.86
N GLY A 46 -13.37 -11.50 -20.88
CA GLY A 46 -14.63 -11.38 -20.18
C GLY A 46 -14.68 -10.20 -19.23
ZN ZN B . 1.84 -0.21 -2.42
N GLY A 1 18.81 10.39 25.44
CA GLY A 1 17.54 10.76 24.85
C GLY A 1 17.70 11.55 23.56
N SER A 2 17.47 10.88 22.43
CA SER A 2 17.60 11.53 21.14
C SER A 2 16.23 11.79 20.52
N SER A 3 15.76 13.03 20.63
CA SER A 3 14.46 13.41 20.08
C SER A 3 14.64 14.21 18.80
N GLY A 4 14.27 13.59 17.67
CA GLY A 4 14.38 14.25 16.38
C GLY A 4 13.39 13.73 15.37
N SER A 5 13.20 12.41 15.36
CA SER A 5 12.28 11.78 14.42
C SER A 5 11.05 12.66 14.20
N SER A 6 10.92 13.19 12.99
CA SER A 6 9.78 14.04 12.66
C SER A 6 8.49 13.23 12.53
N GLY A 7 7.36 13.91 12.66
CA GLY A 7 6.08 13.23 12.57
C GLY A 7 5.45 13.37 11.20
N THR A 8 5.10 12.25 10.59
CA THR A 8 4.50 12.25 9.26
C THR A 8 3.01 12.59 9.34
N GLY A 9 2.36 12.12 10.40
CA GLY A 9 0.95 12.38 10.57
C GLY A 9 0.16 11.13 10.88
N GLU A 10 -1.15 11.19 10.63
CA GLU A 10 -2.02 10.04 10.89
C GLU A 10 -2.41 9.34 9.59
N ASN A 11 -1.93 8.12 9.41
CA ASN A 11 -2.23 7.35 8.22
C ASN A 11 -2.81 5.98 8.57
N PRO A 12 -4.12 5.94 8.82
CA PRO A 12 -4.83 4.71 9.17
C PRO A 12 -4.92 3.73 8.00
N TYR A 13 -4.46 4.18 6.84
CA TYR A 13 -4.50 3.35 5.64
C TYR A 13 -3.11 3.26 4.99
N GLU A 14 -2.43 2.14 5.21
CA GLU A 14 -1.11 1.94 4.65
C GLU A 14 -1.08 0.72 3.74
N CYS A 15 -0.40 0.85 2.61
CA CYS A 15 -0.30 -0.24 1.64
C CYS A 15 0.50 -1.41 2.23
N HIS A 16 -0.13 -2.58 2.27
CA HIS A 16 0.52 -3.78 2.80
C HIS A 16 1.37 -4.46 1.73
N GLU A 17 1.79 -3.68 0.74
CA GLU A 17 2.60 -4.21 -0.35
C GLU A 17 3.97 -3.52 -0.40
N CYS A 18 3.94 -2.18 -0.40
CA CYS A 18 5.17 -1.41 -0.44
C CYS A 18 5.42 -0.71 0.90
N GLY A 19 4.35 -0.15 1.47
CA GLY A 19 4.48 0.55 2.74
C GLY A 19 4.04 1.99 2.66
N LYS A 20 3.18 2.30 1.69
CA LYS A 20 2.68 3.65 1.51
C LYS A 20 1.63 4.01 2.55
N ALA A 21 1.23 5.27 2.59
CA ALA A 21 0.22 5.73 3.55
C ALA A 21 -0.77 6.68 2.89
N PHE A 22 -2.03 6.56 3.28
CA PHE A 22 -3.08 7.41 2.73
C PHE A 22 -4.02 7.90 3.82
N SER A 23 -4.67 9.04 3.57
CA SER A 23 -5.59 9.62 4.54
C SER A 23 -6.88 8.80 4.62
N ARG A 24 -7.47 8.53 3.47
CA ARG A 24 -8.71 7.74 3.41
C ARG A 24 -8.44 6.33 2.91
N LYS A 25 -9.43 5.46 3.05
CA LYS A 25 -9.30 4.07 2.62
C LYS A 25 -9.15 3.99 1.10
N TYR A 26 -10.06 4.64 0.38
CA TYR A 26 -10.03 4.64 -1.07
C TYR A 26 -8.68 5.15 -1.60
N GLN A 27 -8.16 6.20 -0.97
CA GLN A 27 -6.89 6.77 -1.36
C GLN A 27 -5.82 5.70 -1.46
N LEU A 28 -5.98 4.64 -0.68
CA LEU A 28 -5.03 3.53 -0.69
C LEU A 28 -5.36 2.52 -1.79
N ILE A 29 -6.62 2.12 -1.86
CA ILE A 29 -7.06 1.16 -2.86
C ILE A 29 -6.58 1.57 -4.25
N SER A 30 -6.83 2.83 -4.62
CA SER A 30 -6.42 3.34 -5.92
C SER A 30 -4.95 3.04 -6.19
N HIS A 31 -4.14 3.11 -5.14
CA HIS A 31 -2.70 2.85 -5.26
C HIS A 31 -2.44 1.37 -5.49
N GLN A 32 -3.05 0.53 -4.66
CA GLN A 32 -2.89 -0.91 -4.77
C GLN A 32 -3.06 -1.37 -6.21
N ARG A 33 -3.88 -0.63 -6.96
CA ARG A 33 -4.14 -0.97 -8.36
C ARG A 33 -2.83 -1.15 -9.12
N THR A 34 -1.83 -0.35 -8.78
CA THR A 34 -0.53 -0.42 -9.44
C THR A 34 0.12 -1.78 -9.23
N HIS A 35 -0.07 -2.35 -8.04
CA HIS A 35 0.49 -3.65 -7.71
C HIS A 35 -0.26 -4.77 -8.45
N ALA A 36 -1.57 -4.62 -8.55
CA ALA A 36 -2.40 -5.62 -9.23
C ALA A 36 -1.86 -5.91 -10.62
N GLY A 37 -1.07 -6.97 -10.73
CA GLY A 37 -0.50 -7.35 -12.00
C GLY A 37 -0.05 -8.80 -12.03
N GLU A 38 1.17 -9.05 -11.55
CA GLU A 38 1.72 -10.41 -11.52
C GLU A 38 1.94 -10.87 -10.09
N LYS A 39 1.23 -11.92 -9.70
CA LYS A 39 1.34 -12.48 -8.36
C LYS A 39 2.24 -13.70 -8.35
N PRO A 40 3.14 -13.78 -7.36
CA PRO A 40 4.07 -14.90 -7.21
C PRO A 40 3.36 -16.20 -6.81
N SER A 41 2.40 -16.08 -5.90
CA SER A 41 1.66 -17.25 -5.43
C SER A 41 0.64 -17.69 -6.47
N GLY A 42 0.16 -18.93 -6.33
CA GLY A 42 -0.82 -19.45 -7.27
C GLY A 42 -2.17 -19.67 -6.63
N PRO A 43 -3.03 -18.63 -6.71
CA PRO A 43 -4.38 -18.68 -6.15
C PRO A 43 -5.29 -19.63 -6.91
N SER A 44 -6.52 -19.80 -6.41
CA SER A 44 -7.49 -20.68 -7.04
C SER A 44 -8.12 -20.00 -8.26
N SER A 45 -8.83 -18.91 -8.02
CA SER A 45 -9.49 -18.17 -9.10
C SER A 45 -8.50 -17.28 -9.83
N GLY A 46 -8.35 -17.51 -11.13
CA GLY A 46 -7.43 -16.72 -11.93
C GLY A 46 -8.14 -15.80 -12.90
ZN ZN B . 1.97 -0.16 -2.45
N GLY A 1 17.87 1.08 11.25
CA GLY A 1 16.65 0.40 11.64
C GLY A 1 15.85 -0.08 10.45
N SER A 2 15.35 0.87 9.66
CA SER A 2 14.56 0.53 8.48
C SER A 2 13.25 -0.14 8.87
N SER A 3 12.62 0.38 9.92
CA SER A 3 11.36 -0.17 10.41
C SER A 3 10.69 0.79 11.38
N GLY A 4 9.43 1.12 11.10
CA GLY A 4 8.69 2.04 11.95
C GLY A 4 8.54 3.41 11.35
N SER A 5 7.46 4.10 11.70
CA SER A 5 7.21 5.44 11.18
C SER A 5 7.66 6.50 12.17
N SER A 6 7.11 6.43 13.38
CA SER A 6 7.45 7.40 14.43
C SER A 6 7.26 8.83 13.93
N GLY A 7 6.17 9.05 13.21
CA GLY A 7 5.88 10.38 12.69
C GLY A 7 4.53 10.90 13.15
N THR A 8 4.40 12.22 13.19
CA THR A 8 3.15 12.85 13.61
C THR A 8 2.16 12.92 12.45
N GLY A 9 2.01 11.81 11.74
CA GLY A 9 1.09 11.77 10.62
C GLY A 9 -0.13 10.92 10.89
N GLU A 10 -1.25 11.24 10.25
CA GLU A 10 -2.49 10.50 10.44
C GLU A 10 -2.83 9.69 9.19
N ASN A 11 -2.22 8.52 9.06
CA ASN A 11 -2.47 7.66 7.92
C ASN A 11 -2.95 6.27 8.37
N PRO A 12 -4.26 6.17 8.65
CA PRO A 12 -4.88 4.92 9.10
C PRO A 12 -4.93 3.87 7.98
N TYR A 13 -4.52 4.27 6.79
CA TYR A 13 -4.52 3.36 5.64
C TYR A 13 -3.14 3.28 5.01
N GLU A 14 -2.45 2.17 5.25
CA GLU A 14 -1.11 1.97 4.71
C GLU A 14 -1.08 0.76 3.78
N CYS A 15 -0.29 0.86 2.72
CA CYS A 15 -0.16 -0.21 1.74
C CYS A 15 0.77 -1.31 2.25
N HIS A 16 0.20 -2.46 2.62
CA HIS A 16 0.99 -3.57 3.12
C HIS A 16 1.85 -4.18 2.01
N GLU A 17 1.64 -3.71 0.79
CA GLU A 17 2.39 -4.21 -0.35
C GLU A 17 3.78 -3.57 -0.41
N CYS A 18 3.83 -2.27 -0.20
CA CYS A 18 5.09 -1.53 -0.23
C CYS A 18 5.34 -0.82 1.10
N GLY A 19 4.29 -0.18 1.62
CA GLY A 19 4.41 0.53 2.87
C GLY A 19 3.95 1.97 2.77
N LYS A 20 3.16 2.27 1.73
CA LYS A 20 2.65 3.62 1.52
C LYS A 20 1.62 3.98 2.59
N ALA A 21 1.23 5.26 2.61
CA ALA A 21 0.25 5.73 3.57
C ALA A 21 -0.74 6.69 2.92
N PHE A 22 -2.01 6.57 3.30
CA PHE A 22 -3.06 7.43 2.74
C PHE A 22 -3.98 7.93 3.84
N SER A 23 -4.69 9.03 3.57
CA SER A 23 -5.62 9.60 4.52
C SER A 23 -6.90 8.78 4.62
N ARG A 24 -7.49 8.49 3.47
CA ARG A 24 -8.72 7.70 3.43
C ARG A 24 -8.45 6.30 2.90
N LYS A 25 -9.41 5.41 3.08
CA LYS A 25 -9.28 4.02 2.62
C LYS A 25 -9.12 3.97 1.11
N TYR A 26 -10.04 4.59 0.40
CA TYR A 26 -10.00 4.61 -1.06
C TYR A 26 -8.65 5.11 -1.56
N GLN A 27 -8.15 6.17 -0.95
CA GLN A 27 -6.86 6.75 -1.34
C GLN A 27 -5.80 5.66 -1.44
N LEU A 28 -5.99 4.59 -0.67
CA LEU A 28 -5.04 3.46 -0.68
C LEU A 28 -5.37 2.48 -1.78
N ILE A 29 -6.64 2.12 -1.90
CA ILE A 29 -7.08 1.18 -2.92
C ILE A 29 -6.58 1.61 -4.31
N SER A 30 -6.82 2.86 -4.66
CA SER A 30 -6.39 3.39 -5.95
C SER A 30 -4.92 3.10 -6.20
N HIS A 31 -4.13 3.13 -5.13
CA HIS A 31 -2.69 2.87 -5.23
C HIS A 31 -2.43 1.39 -5.49
N GLN A 32 -3.07 0.53 -4.69
CA GLN A 32 -2.91 -0.91 -4.83
C GLN A 32 -3.03 -1.33 -6.28
N ARG A 33 -3.93 -0.68 -7.01
CA ARG A 33 -4.15 -1.00 -8.42
C ARG A 33 -2.82 -1.23 -9.13
N THR A 34 -1.86 -0.34 -8.89
CA THR A 34 -0.55 -0.45 -9.52
C THR A 34 0.10 -1.80 -9.21
N HIS A 35 -0.15 -2.31 -8.01
CA HIS A 35 0.41 -3.60 -7.61
C HIS A 35 -0.26 -4.74 -8.35
N ALA A 36 -1.57 -4.62 -8.56
CA ALA A 36 -2.34 -5.65 -9.26
C ALA A 36 -1.69 -5.98 -10.60
N GLY A 37 -2.09 -7.11 -11.18
CA GLY A 37 -1.54 -7.52 -12.47
C GLY A 37 -1.52 -9.03 -12.63
N GLU A 38 -0.61 -9.51 -13.47
CA GLU A 38 -0.48 -10.95 -13.71
C GLU A 38 0.31 -11.62 -12.60
N LYS A 39 -0.39 -12.34 -11.72
CA LYS A 39 0.24 -13.03 -10.61
C LYS A 39 -0.43 -14.37 -10.35
N PRO A 40 0.28 -15.26 -9.63
CA PRO A 40 -0.24 -16.59 -9.30
C PRO A 40 -1.38 -16.53 -8.29
N SER A 41 -1.77 -15.32 -7.91
CA SER A 41 -2.85 -15.13 -6.95
C SER A 41 -4.20 -15.04 -7.65
N GLY A 42 -5.15 -15.85 -7.21
CA GLY A 42 -6.47 -15.84 -7.81
C GLY A 42 -7.36 -14.74 -7.26
N PRO A 43 -8.57 -14.62 -7.82
CA PRO A 43 -9.53 -13.60 -7.40
C PRO A 43 -10.09 -13.85 -6.01
N SER A 44 -10.70 -12.83 -5.41
CA SER A 44 -11.27 -12.95 -4.08
C SER A 44 -12.76 -13.27 -4.15
N SER A 45 -13.09 -14.56 -4.06
CA SER A 45 -14.48 -15.00 -4.11
C SER A 45 -15.36 -14.12 -3.25
N GLY A 46 -16.66 -14.11 -3.54
CA GLY A 46 -17.60 -13.31 -2.77
C GLY A 46 -17.36 -11.82 -2.94
ZN ZN B . 1.91 -0.03 -2.42
N GLY A 1 21.96 6.65 19.19
CA GLY A 1 20.66 6.04 19.33
C GLY A 1 20.34 5.07 18.21
N SER A 2 19.25 4.33 18.36
CA SER A 2 18.84 3.36 17.36
C SER A 2 17.73 3.92 16.48
N SER A 3 18.05 4.17 15.21
CA SER A 3 17.07 4.71 14.27
C SER A 3 15.93 3.73 14.04
N GLY A 4 14.89 4.18 13.35
CA GLY A 4 13.75 3.33 13.08
C GLY A 4 12.43 4.01 13.36
N SER A 5 12.24 4.48 14.59
CA SER A 5 11.02 5.16 14.99
C SER A 5 10.64 6.22 13.97
N SER A 6 9.48 6.03 13.34
CA SER A 6 9.00 6.98 12.33
C SER A 6 7.53 6.72 12.01
N GLY A 7 6.91 7.67 11.31
CA GLY A 7 5.51 7.53 10.95
C GLY A 7 4.71 8.79 11.23
N THR A 8 5.06 9.87 10.55
CA THR A 8 4.37 11.15 10.71
C THR A 8 3.22 11.29 9.73
N GLY A 9 2.13 11.91 10.18
CA GLY A 9 0.98 12.09 9.32
C GLY A 9 -0.18 11.17 9.68
N GLU A 10 -1.39 11.70 9.60
CA GLU A 10 -2.59 10.92 9.92
C GLU A 10 -2.98 10.03 8.75
N ASN A 11 -2.30 8.89 8.61
CA ASN A 11 -2.59 7.96 7.53
C ASN A 11 -2.87 6.56 8.07
N PRO A 12 -4.12 6.34 8.52
CA PRO A 12 -4.54 5.05 9.06
C PRO A 12 -4.62 3.97 8.01
N TYR A 13 -4.39 4.35 6.75
CA TYR A 13 -4.44 3.40 5.65
C TYR A 13 -3.08 3.29 4.97
N GLU A 14 -2.39 2.17 5.23
CA GLU A 14 -1.08 1.94 4.64
C GLU A 14 -1.09 0.72 3.74
N CYS A 15 -0.33 0.78 2.65
CA CYS A 15 -0.26 -0.32 1.70
C CYS A 15 0.56 -1.47 2.26
N HIS A 16 -0.03 -2.66 2.30
CA HIS A 16 0.65 -3.84 2.81
C HIS A 16 1.49 -4.49 1.73
N GLU A 17 1.81 -3.73 0.68
CA GLU A 17 2.62 -4.24 -0.42
C GLU A 17 3.97 -3.53 -0.48
N CYS A 18 3.94 -2.21 -0.49
CA CYS A 18 5.16 -1.41 -0.55
C CYS A 18 5.42 -0.72 0.79
N GLY A 19 4.38 -0.11 1.34
CA GLY A 19 4.51 0.58 2.62
C GLY A 19 4.04 2.03 2.55
N LYS A 20 3.21 2.32 1.55
CA LYS A 20 2.68 3.68 1.39
C LYS A 20 1.66 4.01 2.47
N ALA A 21 1.21 5.25 2.48
CA ALA A 21 0.22 5.69 3.46
C ALA A 21 -0.81 6.63 2.83
N PHE A 22 -2.04 6.55 3.30
CA PHE A 22 -3.12 7.40 2.78
C PHE A 22 -4.03 7.86 3.90
N SER A 23 -4.73 8.98 3.68
CA SER A 23 -5.65 9.52 4.67
C SER A 23 -6.93 8.69 4.74
N ARG A 24 -7.52 8.45 3.58
CA ARG A 24 -8.76 7.67 3.51
C ARG A 24 -8.48 6.25 3.01
N LYS A 25 -9.51 5.42 3.03
CA LYS A 25 -9.38 4.04 2.59
C LYS A 25 -9.21 3.96 1.07
N TYR A 26 -10.11 4.62 0.35
CA TYR A 26 -10.06 4.63 -1.11
C TYR A 26 -8.70 5.15 -1.60
N GLN A 27 -8.19 6.17 -0.93
CA GLN A 27 -6.90 6.75 -1.29
C GLN A 27 -5.82 5.67 -1.41
N LEU A 28 -5.99 4.60 -0.63
CA LEU A 28 -5.03 3.50 -0.64
C LEU A 28 -5.35 2.50 -1.75
N ILE A 29 -6.62 2.12 -1.83
CA ILE A 29 -7.06 1.17 -2.86
C ILE A 29 -6.57 1.59 -4.24
N SER A 30 -6.81 2.85 -4.59
CA SER A 30 -6.39 3.39 -5.88
C SER A 30 -4.92 3.09 -6.14
N HIS A 31 -4.12 3.15 -5.09
CA HIS A 31 -2.69 2.88 -5.21
C HIS A 31 -2.42 1.41 -5.48
N GLN A 32 -3.02 0.54 -4.66
CA GLN A 32 -2.84 -0.90 -4.81
C GLN A 32 -3.02 -1.32 -6.27
N ARG A 33 -3.84 -0.56 -7.00
CA ARG A 33 -4.10 -0.85 -8.40
C ARG A 33 -2.80 -1.11 -9.16
N THR A 34 -1.76 -0.34 -8.82
CA THR A 34 -0.47 -0.48 -9.46
C THR A 34 0.11 -1.87 -9.24
N HIS A 35 -0.09 -2.41 -8.03
CA HIS A 35 0.41 -3.74 -7.70
C HIS A 35 -0.40 -4.82 -8.40
N ALA A 36 -1.72 -4.63 -8.43
CA ALA A 36 -2.61 -5.60 -9.07
C ALA A 36 -2.13 -5.93 -10.48
N GLY A 37 -1.83 -4.89 -11.26
CA GLY A 37 -1.37 -5.09 -12.62
C GLY A 37 0.12 -4.90 -12.76
N GLU A 38 0.55 -4.28 -13.86
CA GLU A 38 1.96 -4.04 -14.10
C GLU A 38 2.72 -5.36 -14.21
N LYS A 39 2.18 -6.29 -15.00
CA LYS A 39 2.81 -7.59 -15.19
C LYS A 39 3.03 -7.87 -16.68
N PRO A 40 4.21 -8.43 -17.00
CA PRO A 40 4.57 -8.76 -18.38
C PRO A 40 3.75 -9.93 -18.93
N SER A 41 2.78 -10.39 -18.14
CA SER A 41 1.93 -11.50 -18.55
C SER A 41 1.72 -11.50 -20.06
N GLY A 42 1.09 -10.44 -20.57
CA GLY A 42 0.84 -10.33 -21.99
C GLY A 42 1.49 -9.11 -22.61
N PRO A 43 2.71 -9.28 -23.14
CA PRO A 43 3.46 -8.19 -23.77
C PRO A 43 2.83 -7.75 -25.09
N SER A 44 2.09 -6.64 -25.05
CA SER A 44 1.44 -6.11 -26.23
C SER A 44 2.07 -4.77 -26.65
N SER A 45 1.95 -3.79 -25.77
CA SER A 45 2.50 -2.46 -26.04
C SER A 45 3.76 -2.22 -25.22
N GLY A 46 4.64 -3.21 -25.18
CA GLY A 46 5.87 -3.08 -24.43
C GLY A 46 6.89 -4.13 -24.81
ZN ZN B . 1.85 -0.24 -2.47
N GLY A 1 6.88 -10.31 18.65
CA GLY A 1 7.64 -10.34 19.88
C GLY A 1 8.00 -8.95 20.37
N SER A 2 9.20 -8.49 20.00
CA SER A 2 9.66 -7.16 20.41
C SER A 2 8.54 -6.15 20.32
N SER A 3 8.65 -5.09 21.12
CA SER A 3 7.64 -4.03 21.15
C SER A 3 8.24 -2.70 20.72
N GLY A 4 7.79 -2.18 19.58
CA GLY A 4 8.30 -0.92 19.09
C GLY A 4 7.22 -0.08 18.42
N SER A 5 7.64 0.94 17.68
CA SER A 5 6.71 1.82 16.99
C SER A 5 5.88 1.06 15.96
N SER A 6 4.60 1.36 15.88
CA SER A 6 3.71 0.70 14.94
C SER A 6 3.24 1.67 13.85
N GLY A 7 2.93 2.89 14.26
CA GLY A 7 2.47 3.90 13.31
C GLY A 7 2.64 5.31 13.84
N THR A 8 3.48 6.09 13.17
CA THR A 8 3.73 7.47 13.58
C THR A 8 3.11 8.46 12.59
N GLY A 9 2.72 7.95 11.42
CA GLY A 9 2.11 8.80 10.41
C GLY A 9 0.62 8.94 10.60
N GLU A 10 0.08 10.09 10.20
CA GLU A 10 -1.35 10.35 10.32
C GLU A 10 -2.12 9.70 9.18
N ASN A 11 -1.78 8.45 8.88
CA ASN A 11 -2.43 7.72 7.80
C ASN A 11 -2.88 6.34 8.28
N PRO A 12 -4.16 6.22 8.63
CA PRO A 12 -4.75 4.97 9.12
C PRO A 12 -4.85 3.92 8.01
N TYR A 13 -4.50 4.31 6.79
CA TYR A 13 -4.55 3.40 5.65
C TYR A 13 -3.18 3.30 4.97
N GLU A 14 -2.48 2.21 5.24
CA GLU A 14 -1.16 2.00 4.65
C GLU A 14 -1.17 0.78 3.72
N CYS A 15 -0.36 0.85 2.67
CA CYS A 15 -0.27 -0.25 1.72
C CYS A 15 0.63 -1.36 2.24
N HIS A 16 0.01 -2.49 2.59
CA HIS A 16 0.76 -3.64 3.11
C HIS A 16 1.60 -4.28 2.01
N GLU A 17 1.51 -3.73 0.81
CA GLU A 17 2.26 -4.26 -0.34
C GLU A 17 3.66 -3.66 -0.38
N CYS A 18 3.74 -2.33 -0.29
CA CYS A 18 5.01 -1.63 -0.32
C CYS A 18 5.28 -0.92 1.01
N GLY A 19 4.27 -0.21 1.51
CA GLY A 19 4.42 0.50 2.76
C GLY A 19 3.99 1.96 2.66
N LYS A 20 3.12 2.24 1.70
CA LYS A 20 2.64 3.60 1.49
C LYS A 20 1.59 3.96 2.54
N ALA A 21 1.20 5.24 2.57
CA ALA A 21 0.20 5.71 3.52
C ALA A 21 -0.80 6.64 2.85
N PHE A 22 -2.05 6.57 3.28
CA PHE A 22 -3.11 7.41 2.71
C PHE A 22 -4.05 7.90 3.80
N SER A 23 -4.71 9.02 3.54
CA SER A 23 -5.65 9.60 4.50
C SER A 23 -6.94 8.79 4.57
N ARG A 24 -7.51 8.51 3.40
CA ARG A 24 -8.75 7.75 3.31
C ARG A 24 -8.49 6.35 2.77
N LYS A 25 -9.38 5.41 3.09
CA LYS A 25 -9.24 4.04 2.64
C LYS A 25 -9.11 3.97 1.12
N TYR A 26 -10.02 4.64 0.42
CA TYR A 26 -10.00 4.66 -1.03
C TYR A 26 -8.66 5.14 -1.56
N GLN A 27 -8.12 6.18 -0.94
CA GLN A 27 -6.84 6.73 -1.34
C GLN A 27 -5.77 5.65 -1.43
N LEU A 28 -5.96 4.58 -0.65
CA LEU A 28 -5.02 3.47 -0.64
C LEU A 28 -5.35 2.47 -1.74
N ILE A 29 -6.62 2.09 -1.83
CA ILE A 29 -7.06 1.13 -2.83
C ILE A 29 -6.60 1.55 -4.23
N SER A 30 -6.82 2.82 -4.55
CA SER A 30 -6.43 3.35 -5.86
C SER A 30 -4.95 3.06 -6.14
N HIS A 31 -4.13 3.13 -5.10
CA HIS A 31 -2.70 2.88 -5.23
C HIS A 31 -2.44 1.39 -5.49
N GLN A 32 -3.05 0.53 -4.69
CA GLN A 32 -2.88 -0.90 -4.83
C GLN A 32 -3.05 -1.33 -6.29
N ARG A 33 -3.85 -0.56 -7.03
CA ARG A 33 -4.10 -0.86 -8.43
C ARG A 33 -2.79 -1.12 -9.19
N THR A 34 -1.77 -0.33 -8.87
CA THR A 34 -0.47 -0.48 -9.51
C THR A 34 0.12 -1.86 -9.25
N HIS A 35 -0.10 -2.37 -8.05
CA HIS A 35 0.41 -3.69 -7.67
C HIS A 35 -0.33 -4.79 -8.43
N ALA A 36 -1.65 -4.63 -8.54
CA ALA A 36 -2.48 -5.61 -9.24
C ALA A 36 -1.72 -6.23 -10.41
N GLY A 37 -2.01 -7.50 -10.68
CA GLY A 37 -1.36 -8.20 -11.78
C GLY A 37 -1.30 -7.36 -13.04
N GLU A 38 -0.11 -7.20 -13.60
CA GLU A 38 0.07 -6.43 -14.82
C GLU A 38 0.96 -7.17 -15.81
N LYS A 39 0.44 -7.39 -17.01
CA LYS A 39 1.20 -8.08 -18.06
C LYS A 39 1.38 -7.19 -19.28
N PRO A 40 2.54 -7.32 -19.93
CA PRO A 40 2.87 -6.53 -21.12
C PRO A 40 2.04 -6.92 -22.33
N SER A 41 1.15 -7.90 -22.14
CA SER A 41 0.29 -8.38 -23.21
C SER A 41 -0.92 -7.46 -23.39
N GLY A 42 -1.48 -7.45 -24.59
CA GLY A 42 -2.63 -6.62 -24.87
C GLY A 42 -2.37 -5.60 -25.95
N PRO A 43 -3.34 -5.39 -26.84
CA PRO A 43 -3.23 -4.44 -27.95
C PRO A 43 -3.24 -2.99 -27.47
N SER A 44 -3.35 -2.81 -26.16
CA SER A 44 -3.38 -1.48 -25.56
C SER A 44 -2.10 -0.71 -25.89
N SER A 45 -0.96 -1.30 -25.52
CA SER A 45 0.33 -0.67 -25.77
C SER A 45 1.42 -1.73 -25.95
N GLY A 46 2.38 -1.42 -26.81
CA GLY A 46 3.46 -2.36 -27.07
C GLY A 46 4.75 -1.96 -26.38
ZN ZN B . 1.74 -0.22 -2.47
N GLY A 1 23.89 -1.81 0.56
CA GLY A 1 22.75 -2.20 1.39
C GLY A 1 21.66 -1.15 1.38
N SER A 2 20.41 -1.60 1.47
CA SER A 2 19.26 -0.70 1.48
C SER A 2 18.54 -0.74 2.83
N SER A 3 18.67 0.34 3.59
CA SER A 3 18.04 0.43 4.90
C SER A 3 17.45 1.81 5.13
N GLY A 4 16.25 1.86 5.69
CA GLY A 4 15.60 3.13 5.95
C GLY A 4 14.16 2.96 6.43
N SER A 5 13.78 3.76 7.43
CA SER A 5 12.45 3.68 7.98
C SER A 5 11.94 5.07 8.37
N SER A 6 10.69 5.37 8.00
CA SER A 6 10.09 6.66 8.30
C SER A 6 8.57 6.55 8.36
N GLY A 7 7.94 7.53 9.00
CA GLY A 7 6.50 7.53 9.12
C GLY A 7 6.02 6.90 10.42
N THR A 8 5.74 7.73 11.40
CA THR A 8 5.28 7.25 12.70
C THR A 8 3.93 6.54 12.58
N GLY A 9 3.01 7.15 11.83
CA GLY A 9 1.71 6.55 11.64
C GLY A 9 0.59 7.59 11.67
N GLU A 10 0.65 8.55 10.75
CA GLU A 10 -0.35 9.60 10.69
C GLU A 10 -1.55 9.16 9.85
N ASN A 11 -1.31 8.21 8.95
CA ASN A 11 -2.36 7.70 8.08
C ASN A 11 -2.78 6.29 8.52
N PRO A 12 -4.08 6.14 8.83
CA PRO A 12 -4.65 4.86 9.26
C PRO A 12 -4.70 3.84 8.13
N TYR A 13 -4.43 4.30 6.91
CA TYR A 13 -4.46 3.43 5.74
C TYR A 13 -3.07 3.32 5.12
N GLU A 14 -2.47 2.14 5.22
CA GLU A 14 -1.15 1.91 4.66
C GLU A 14 -1.14 0.68 3.74
N CYS A 15 -0.41 0.77 2.64
CA CYS A 15 -0.32 -0.32 1.68
C CYS A 15 0.56 -1.44 2.23
N HIS A 16 -0.03 -2.63 2.36
CA HIS A 16 0.70 -3.79 2.87
C HIS A 16 1.61 -4.38 1.79
N GLU A 17 1.52 -3.82 0.59
CA GLU A 17 2.33 -4.29 -0.53
C GLU A 17 3.71 -3.63 -0.52
N CYS A 18 3.73 -2.30 -0.46
CA CYS A 18 4.97 -1.55 -0.45
C CYS A 18 5.18 -0.87 0.90
N GLY A 19 4.14 -0.23 1.41
CA GLY A 19 4.23 0.44 2.70
C GLY A 19 3.77 1.89 2.63
N LYS A 20 3.08 2.24 1.56
CA LYS A 20 2.58 3.59 1.37
C LYS A 20 1.56 3.94 2.43
N ALA A 21 1.17 5.22 2.49
CA ALA A 21 0.19 5.68 3.46
C ALA A 21 -0.81 6.65 2.81
N PHE A 22 -2.06 6.59 3.29
CA PHE A 22 -3.10 7.46 2.75
C PHE A 22 -4.05 7.91 3.86
N SER A 23 -4.73 9.02 3.62
CA SER A 23 -5.67 9.56 4.61
C SER A 23 -6.96 8.75 4.63
N ARG A 24 -7.52 8.51 3.45
CA ARG A 24 -8.76 7.75 3.33
C ARG A 24 -8.48 6.34 2.82
N LYS A 25 -9.45 5.45 3.02
CA LYS A 25 -9.32 4.06 2.59
C LYS A 25 -9.16 3.98 1.07
N TYR A 26 -10.06 4.64 0.36
CA TYR A 26 -10.02 4.65 -1.11
C TYR A 26 -8.66 5.14 -1.62
N GLN A 27 -8.15 6.19 -0.99
CA GLN A 27 -6.86 6.75 -1.38
C GLN A 27 -5.79 5.67 -1.46
N LEU A 28 -5.97 4.62 -0.66
CA LEU A 28 -5.01 3.51 -0.64
C LEU A 28 -5.33 2.50 -1.75
N ILE A 29 -6.62 2.14 -1.86
CA ILE A 29 -7.06 1.18 -2.87
C ILE A 29 -6.57 1.59 -4.26
N SER A 30 -6.79 2.85 -4.61
CA SER A 30 -6.38 3.36 -5.92
C SER A 30 -4.90 3.06 -6.17
N HIS A 31 -4.11 3.06 -5.09
CA HIS A 31 -2.68 2.80 -5.19
C HIS A 31 -2.41 1.33 -5.43
N GLN A 32 -3.05 0.47 -4.63
CA GLN A 32 -2.88 -0.97 -4.76
C GLN A 32 -3.08 -1.42 -6.21
N ARG A 33 -3.88 -0.66 -6.95
CA ARG A 33 -4.16 -0.98 -8.34
C ARG A 33 -2.85 -1.14 -9.13
N THR A 34 -1.86 -0.33 -8.80
CA THR A 34 -0.57 -0.38 -9.47
C THR A 34 0.10 -1.74 -9.27
N HIS A 35 -0.11 -2.31 -8.09
CA HIS A 35 0.47 -3.61 -7.76
C HIS A 35 -0.20 -4.73 -8.54
N ALA A 36 -1.52 -4.61 -8.69
CA ALA A 36 -2.29 -5.61 -9.41
C ALA A 36 -1.73 -5.84 -10.82
N GLY A 37 -1.37 -7.09 -11.10
CA GLY A 37 -0.81 -7.41 -12.40
C GLY A 37 0.34 -8.38 -12.31
N GLU A 38 1.43 -7.93 -11.69
CA GLU A 38 2.62 -8.77 -11.55
C GLU A 38 2.47 -9.72 -10.36
N LYS A 39 1.74 -10.80 -10.59
CA LYS A 39 1.51 -11.81 -9.54
C LYS A 39 2.77 -12.01 -8.71
N PRO A 40 2.58 -12.23 -7.40
CA PRO A 40 3.69 -12.45 -6.48
C PRO A 40 4.39 -13.79 -6.70
N SER A 41 5.68 -13.74 -7.02
CA SER A 41 6.45 -14.95 -7.27
C SER A 41 6.31 -15.93 -6.12
N GLY A 42 6.06 -17.20 -6.45
CA GLY A 42 5.91 -18.22 -5.42
C GLY A 42 4.52 -18.82 -5.40
N PRO A 43 4.44 -20.14 -5.20
CA PRO A 43 3.17 -20.87 -5.16
C PRO A 43 2.35 -20.53 -3.92
N SER A 44 1.20 -19.90 -4.12
CA SER A 44 0.32 -19.52 -3.02
C SER A 44 -0.97 -20.35 -3.04
N SER A 45 -1.61 -20.39 -4.20
CA SER A 45 -2.85 -21.14 -4.35
C SER A 45 -2.81 -22.03 -5.59
N GLY A 46 -1.66 -22.69 -5.78
CA GLY A 46 -1.50 -23.57 -6.93
C GLY A 46 -1.83 -22.89 -8.23
ZN ZN B . 1.74 -0.26 -2.49
N GLY A 1 12.53 1.00 30.53
CA GLY A 1 11.77 0.22 29.57
C GLY A 1 12.01 0.67 28.14
N SER A 2 12.23 -0.29 27.25
CA SER A 2 12.48 0.02 25.85
C SER A 2 11.52 -0.76 24.95
N SER A 3 10.51 -0.06 24.44
CA SER A 3 9.51 -0.67 23.57
C SER A 3 9.77 -0.32 22.11
N GLY A 4 9.79 0.98 21.81
CA GLY A 4 10.03 1.43 20.46
C GLY A 4 8.90 2.29 19.92
N SER A 5 8.81 3.51 20.44
CA SER A 5 7.76 4.44 20.02
C SER A 5 8.33 5.50 19.09
N SER A 6 8.33 5.22 17.79
CA SER A 6 8.84 6.15 16.81
C SER A 6 7.96 6.17 15.56
N GLY A 7 7.90 7.32 14.90
CA GLY A 7 7.10 7.45 13.71
C GLY A 7 5.62 7.65 14.01
N THR A 8 5.11 8.84 13.69
CA THR A 8 3.71 9.15 13.93
C THR A 8 2.81 8.59 12.84
N GLY A 9 3.03 9.03 11.61
CA GLY A 9 2.23 8.55 10.50
C GLY A 9 0.79 8.28 10.89
N GLU A 10 -0.04 9.32 10.84
CA GLU A 10 -1.44 9.18 11.19
C GLU A 10 -2.18 8.34 10.17
N ASN A 11 -1.79 8.46 8.91
CA ASN A 11 -2.42 7.71 7.82
C ASN A 11 -2.83 6.31 8.31
N PRO A 12 -4.11 6.17 8.66
CA PRO A 12 -4.66 4.89 9.13
C PRO A 12 -4.74 3.85 8.03
N TYR A 13 -4.41 4.25 6.81
CA TYR A 13 -4.44 3.35 5.66
C TYR A 13 -3.07 3.26 4.99
N GLU A 14 -2.40 2.14 5.18
CA GLU A 14 -1.08 1.93 4.59
C GLU A 14 -1.06 0.71 3.69
N CYS A 15 -0.37 0.81 2.57
CA CYS A 15 -0.28 -0.29 1.62
C CYS A 15 0.56 -1.43 2.19
N HIS A 16 -0.03 -2.64 2.21
CA HIS A 16 0.67 -3.81 2.73
C HIS A 16 1.51 -4.48 1.63
N GLU A 17 1.90 -3.68 0.64
CA GLU A 17 2.71 -4.19 -0.47
C GLU A 17 4.04 -3.46 -0.54
N CYS A 18 3.98 -2.13 -0.53
CA CYS A 18 5.18 -1.31 -0.60
C CYS A 18 5.44 -0.61 0.73
N GLY A 19 4.39 -0.06 1.32
CA GLY A 19 4.53 0.62 2.60
C GLY A 19 4.06 2.07 2.52
N LYS A 20 3.20 2.36 1.55
CA LYS A 20 2.68 3.71 1.38
C LYS A 20 1.63 4.03 2.43
N ALA A 21 1.23 5.30 2.52
CA ALA A 21 0.23 5.72 3.49
C ALA A 21 -0.78 6.67 2.84
N PHE A 22 -2.04 6.57 3.27
CA PHE A 22 -3.09 7.42 2.74
C PHE A 22 -4.02 7.90 3.86
N SER A 23 -4.75 8.98 3.59
CA SER A 23 -5.68 9.53 4.58
C SER A 23 -6.95 8.69 4.65
N ARG A 24 -7.55 8.43 3.49
CA ARG A 24 -8.78 7.65 3.43
C ARG A 24 -8.49 6.24 2.91
N LYS A 25 -9.47 5.35 3.05
CA LYS A 25 -9.33 3.97 2.60
C LYS A 25 -9.20 3.91 1.08
N TYR A 26 -10.07 4.64 0.39
CA TYR A 26 -10.05 4.66 -1.08
C TYR A 26 -8.71 5.16 -1.59
N GLN A 27 -8.17 6.19 -0.92
CA GLN A 27 -6.88 6.76 -1.32
C GLN A 27 -5.81 5.69 -1.43
N LEU A 28 -5.98 4.62 -0.66
CA LEU A 28 -5.02 3.52 -0.68
C LEU A 28 -5.35 2.52 -1.78
N ILE A 29 -6.62 2.15 -1.88
CA ILE A 29 -7.07 1.20 -2.90
C ILE A 29 -6.58 1.62 -4.28
N SER A 30 -6.83 2.88 -4.63
CA SER A 30 -6.41 3.41 -5.92
C SER A 30 -4.95 3.12 -6.19
N HIS A 31 -4.15 3.10 -5.12
CA HIS A 31 -2.72 2.83 -5.24
C HIS A 31 -2.46 1.35 -5.46
N GLN A 32 -3.12 0.50 -4.67
CA GLN A 32 -2.96 -0.94 -4.78
C GLN A 32 -3.13 -1.40 -6.22
N ARG A 33 -3.85 -0.60 -7.01
CA ARG A 33 -4.08 -0.92 -8.42
C ARG A 33 -2.77 -1.08 -9.17
N THR A 34 -1.75 -0.34 -8.73
CA THR A 34 -0.44 -0.40 -9.36
C THR A 34 0.24 -1.74 -9.10
N HIS A 35 -0.16 -2.41 -8.02
CA HIS A 35 0.41 -3.71 -7.67
C HIS A 35 -0.34 -4.83 -8.36
N ALA A 36 -1.26 -4.48 -9.24
CA ALA A 36 -2.05 -5.45 -9.98
C ALA A 36 -1.71 -5.44 -11.46
N GLY A 37 -1.54 -4.24 -12.01
CA GLY A 37 -1.21 -4.11 -13.42
C GLY A 37 -0.33 -5.24 -13.92
N GLU A 38 -0.74 -5.87 -15.01
CA GLU A 38 0.02 -6.98 -15.58
C GLU A 38 -0.11 -7.00 -17.10
N LYS A 39 0.58 -7.94 -17.74
CA LYS A 39 0.53 -8.07 -19.19
C LYS A 39 0.12 -9.49 -19.60
N PRO A 40 -0.81 -9.58 -20.57
CA PRO A 40 -1.30 -10.86 -21.06
C PRO A 40 -0.24 -11.62 -21.86
N SER A 41 -0.62 -12.81 -22.34
CA SER A 41 0.31 -13.64 -23.12
C SER A 41 -0.18 -13.79 -24.56
N GLY A 42 0.74 -14.14 -25.45
CA GLY A 42 0.38 -14.32 -26.85
C GLY A 42 -0.03 -15.73 -27.17
N PRO A 43 0.94 -16.54 -27.66
CA PRO A 43 0.70 -17.94 -28.02
C PRO A 43 0.45 -18.82 -26.79
N SER A 44 0.02 -20.05 -27.03
CA SER A 44 -0.26 -20.99 -25.95
C SER A 44 0.89 -21.02 -24.95
N SER A 45 0.55 -21.13 -23.67
CA SER A 45 1.55 -21.16 -22.61
C SER A 45 2.57 -22.27 -22.86
N GLY A 46 3.83 -21.88 -22.98
CA GLY A 46 4.89 -22.85 -23.22
C GLY A 46 6.27 -22.25 -23.12
ZN ZN B . 1.89 -0.15 -2.53
N GLY A 1 12.56 -0.66 16.92
CA GLY A 1 13.19 0.53 16.37
C GLY A 1 12.63 1.80 16.97
N SER A 2 11.99 2.62 16.14
CA SER A 2 11.41 3.88 16.59
C SER A 2 9.90 3.74 16.82
N SER A 3 9.45 4.21 17.97
CA SER A 3 8.04 4.14 18.32
C SER A 3 7.57 5.44 18.97
N GLY A 4 6.32 5.81 18.70
CA GLY A 4 5.78 7.03 19.26
C GLY A 4 4.43 7.40 18.65
N SER A 5 3.37 6.80 19.17
CA SER A 5 2.03 7.06 18.66
C SER A 5 1.31 8.09 19.54
N SER A 6 1.41 7.90 20.85
CA SER A 6 0.77 8.80 21.80
C SER A 6 0.85 10.25 21.32
N GLY A 7 -0.30 10.92 21.25
CA GLY A 7 -0.33 12.29 20.80
C GLY A 7 -1.19 12.48 19.57
N THR A 8 -0.59 12.27 18.40
CA THR A 8 -1.31 12.42 17.13
C THR A 8 -1.21 11.16 16.29
N GLY A 9 -2.28 10.84 15.57
CA GLY A 9 -2.29 9.65 14.73
C GLY A 9 -1.67 9.90 13.38
N GLU A 10 -1.69 8.87 12.52
CA GLU A 10 -1.13 8.99 11.19
C GLU A 10 -1.95 8.19 10.18
N ASN A 11 -1.63 8.35 8.90
CA ASN A 11 -2.34 7.66 7.83
C ASN A 11 -2.78 6.27 8.29
N PRO A 12 -4.07 6.15 8.65
CA PRO A 12 -4.64 4.88 9.12
C PRO A 12 -4.75 3.85 8.00
N TYR A 13 -4.41 4.27 6.78
CA TYR A 13 -4.47 3.38 5.63
C TYR A 13 -3.11 3.27 4.95
N GLU A 14 -2.42 2.16 5.19
CA GLU A 14 -1.10 1.94 4.61
C GLU A 14 -1.11 0.70 3.71
N CYS A 15 -0.37 0.78 2.61
CA CYS A 15 -0.30 -0.33 1.66
C CYS A 15 0.52 -1.48 2.24
N HIS A 16 -0.06 -2.68 2.21
CA HIS A 16 0.61 -3.86 2.73
C HIS A 16 1.47 -4.52 1.65
N GLU A 17 1.85 -3.74 0.64
CA GLU A 17 2.66 -4.25 -0.45
C GLU A 17 4.01 -3.52 -0.51
N CYS A 18 3.96 -2.19 -0.52
CA CYS A 18 5.17 -1.39 -0.58
C CYS A 18 5.43 -0.71 0.76
N GLY A 19 4.39 -0.10 1.32
CA GLY A 19 4.53 0.58 2.59
C GLY A 19 4.06 2.02 2.52
N LYS A 20 3.19 2.33 1.58
CA LYS A 20 2.68 3.68 1.41
C LYS A 20 1.62 3.99 2.46
N ALA A 21 1.22 5.26 2.53
CA ALA A 21 0.21 5.69 3.49
C ALA A 21 -0.79 6.64 2.86
N PHE A 22 -2.04 6.55 3.29
CA PHE A 22 -3.11 7.41 2.76
C PHE A 22 -4.03 7.89 3.86
N SER A 23 -4.69 9.01 3.63
CA SER A 23 -5.62 9.58 4.62
C SER A 23 -6.88 8.75 4.70
N ARG A 24 -7.50 8.48 3.56
CA ARG A 24 -8.73 7.71 3.50
C ARG A 24 -8.44 6.28 3.04
N LYS A 25 -9.47 5.44 3.08
CA LYS A 25 -9.34 4.04 2.67
C LYS A 25 -9.20 3.95 1.14
N TYR A 26 -10.07 4.64 0.43
CA TYR A 26 -10.06 4.63 -1.03
C TYR A 26 -8.72 5.14 -1.55
N GLN A 27 -8.20 6.18 -0.91
CA GLN A 27 -6.93 6.77 -1.31
C GLN A 27 -5.84 5.70 -1.43
N LEU A 28 -5.99 4.62 -0.66
CA LEU A 28 -5.04 3.53 -0.67
C LEU A 28 -5.35 2.53 -1.78
N ILE A 29 -6.61 2.13 -1.86
CA ILE A 29 -7.05 1.18 -2.88
C ILE A 29 -6.56 1.60 -4.26
N SER A 30 -6.82 2.85 -4.62
CA SER A 30 -6.40 3.37 -5.92
C SER A 30 -4.93 3.07 -6.18
N HIS A 31 -4.12 3.15 -5.13
CA HIS A 31 -2.69 2.90 -5.25
C HIS A 31 -2.43 1.42 -5.52
N GLN A 32 -3.01 0.56 -4.69
CA GLN A 32 -2.83 -0.88 -4.84
C GLN A 32 -3.02 -1.30 -6.29
N ARG A 33 -3.85 -0.57 -7.02
CA ARG A 33 -4.12 -0.87 -8.42
C ARG A 33 -2.82 -1.12 -9.18
N THR A 34 -1.77 -0.38 -8.80
CA THR A 34 -0.47 -0.52 -9.45
C THR A 34 0.12 -1.90 -9.20
N HIS A 35 -0.06 -2.41 -7.99
CA HIS A 35 0.45 -3.72 -7.63
C HIS A 35 -0.34 -4.82 -8.32
N ALA A 36 -1.66 -4.65 -8.39
CA ALA A 36 -2.53 -5.63 -9.03
C ALA A 36 -1.87 -6.23 -10.26
N GLY A 37 -2.24 -7.47 -10.58
CA GLY A 37 -1.67 -8.14 -11.73
C GLY A 37 -2.73 -8.81 -12.60
N GLU A 38 -3.66 -8.01 -13.11
CA GLU A 38 -4.73 -8.52 -13.95
C GLU A 38 -5.07 -7.53 -15.06
N LYS A 39 -5.60 -8.05 -16.17
CA LYS A 39 -5.97 -7.21 -17.29
C LYS A 39 -7.43 -6.77 -17.18
N PRO A 40 -7.69 -5.51 -17.58
CA PRO A 40 -9.04 -4.94 -17.54
C PRO A 40 -9.97 -5.57 -18.58
N SER A 41 -9.39 -6.28 -19.54
CA SER A 41 -10.16 -6.92 -20.59
C SER A 41 -11.34 -7.69 -19.99
N GLY A 42 -12.50 -7.58 -20.65
CA GLY A 42 -13.69 -8.26 -20.17
C GLY A 42 -13.46 -9.75 -19.96
N PRO A 43 -14.07 -10.30 -18.90
CA PRO A 43 -13.94 -11.72 -18.56
C PRO A 43 -14.65 -12.62 -19.57
N SER A 44 -13.98 -12.88 -20.69
CA SER A 44 -14.55 -13.73 -21.73
C SER A 44 -16.06 -13.55 -21.82
N SER A 45 -16.51 -12.31 -21.73
CA SER A 45 -17.93 -11.98 -21.80
C SER A 45 -18.29 -11.32 -23.11
N GLY A 46 -19.59 -11.20 -23.39
CA GLY A 46 -20.03 -10.57 -24.62
C GLY A 46 -19.69 -9.09 -24.67
ZN ZN B . 1.88 -0.24 -2.49
N GLY A 1 28.91 8.83 13.69
CA GLY A 1 27.84 9.41 12.90
C GLY A 1 26.47 9.02 13.41
N SER A 2 25.51 9.94 13.31
CA SER A 2 24.16 9.69 13.76
C SER A 2 23.16 9.88 12.64
N SER A 3 22.24 8.93 12.50
CA SER A 3 21.22 8.99 11.45
C SER A 3 20.08 9.92 11.85
N GLY A 4 19.26 10.29 10.87
CA GLY A 4 18.13 11.17 11.15
C GLY A 4 16.84 10.64 10.58
N SER A 5 16.22 9.69 11.28
CA SER A 5 14.97 9.09 10.84
C SER A 5 13.86 10.14 10.79
N SER A 6 13.21 10.26 9.64
CA SER A 6 12.13 11.23 9.46
C SER A 6 11.08 10.69 8.51
N GLY A 7 9.91 10.36 9.06
CA GLY A 7 8.82 9.83 8.23
C GLY A 7 7.47 10.35 8.66
N THR A 8 7.18 11.61 8.31
CA THR A 8 5.91 12.23 8.66
C THR A 8 4.79 11.75 7.73
N GLY A 9 3.61 11.56 8.30
CA GLY A 9 2.48 11.11 7.51
C GLY A 9 1.51 10.26 8.31
N GLU A 10 0.67 10.92 9.11
CA GLU A 10 -0.31 10.21 9.93
C GLU A 10 -1.45 9.67 9.07
N ASN A 11 -1.29 8.44 8.58
CA ASN A 11 -2.31 7.82 7.75
C ASN A 11 -2.62 6.41 8.24
N PRO A 12 -3.87 6.20 8.68
CA PRO A 12 -4.33 4.90 9.18
C PRO A 12 -4.44 3.85 8.08
N TYR A 13 -4.27 4.30 6.83
CA TYR A 13 -4.36 3.40 5.69
C TYR A 13 -3.00 3.27 5.00
N GLU A 14 -2.32 2.16 5.23
CA GLU A 14 -1.02 1.91 4.63
C GLU A 14 -1.06 0.68 3.73
N CYS A 15 -0.34 0.76 2.62
CA CYS A 15 -0.28 -0.34 1.67
C CYS A 15 0.55 -1.50 2.22
N HIS A 16 -0.08 -2.68 2.29
CA HIS A 16 0.60 -3.87 2.80
C HIS A 16 1.42 -4.54 1.70
N GLU A 17 1.88 -3.75 0.75
CA GLU A 17 2.67 -4.27 -0.37
C GLU A 17 4.02 -3.56 -0.46
N CYS A 18 3.98 -2.23 -0.51
CA CYS A 18 5.19 -1.43 -0.60
C CYS A 18 5.47 -0.72 0.72
N GLY A 19 4.46 -0.08 1.27
CA GLY A 19 4.62 0.62 2.54
C GLY A 19 4.16 2.07 2.46
N LYS A 20 3.18 2.33 1.61
CA LYS A 20 2.65 3.68 1.43
C LYS A 20 1.61 4.00 2.50
N ALA A 21 1.09 5.22 2.47
CA ALA A 21 0.08 5.64 3.43
C ALA A 21 -0.92 6.59 2.80
N PHE A 22 -2.16 6.55 3.28
CA PHE A 22 -3.22 7.40 2.75
C PHE A 22 -4.19 7.82 3.86
N SER A 23 -4.73 9.02 3.74
CA SER A 23 -5.67 9.54 4.73
C SER A 23 -6.94 8.70 4.76
N ARG A 24 -7.52 8.48 3.59
CA ARG A 24 -8.75 7.69 3.48
C ARG A 24 -8.45 6.30 2.95
N LYS A 25 -9.42 5.39 3.07
CA LYS A 25 -9.27 4.02 2.61
C LYS A 25 -9.13 3.98 1.09
N TYR A 26 -10.08 4.59 0.40
CA TYR A 26 -10.06 4.61 -1.06
C TYR A 26 -8.72 5.13 -1.57
N GLN A 27 -8.21 6.17 -0.93
CA GLN A 27 -6.94 6.76 -1.33
C GLN A 27 -5.84 5.70 -1.41
N LEU A 28 -6.02 4.62 -0.66
CA LEU A 28 -5.05 3.53 -0.66
C LEU A 28 -5.36 2.51 -1.76
N ILE A 29 -6.64 2.18 -1.89
CA ILE A 29 -7.08 1.22 -2.91
C ILE A 29 -6.59 1.65 -4.30
N SER A 30 -6.78 2.92 -4.62
CA SER A 30 -6.37 3.45 -5.91
C SER A 30 -4.88 3.16 -6.17
N HIS A 31 -4.10 3.18 -5.11
CA HIS A 31 -2.66 2.94 -5.22
C HIS A 31 -2.39 1.46 -5.47
N GLN A 32 -3.02 0.59 -4.68
CA GLN A 32 -2.84 -0.84 -4.83
C GLN A 32 -3.00 -1.27 -6.29
N ARG A 33 -3.87 -0.57 -7.01
CA ARG A 33 -4.10 -0.88 -8.42
C ARG A 33 -2.79 -1.15 -9.15
N THR A 34 -1.75 -0.38 -8.80
CA THR A 34 -0.44 -0.53 -9.41
C THR A 34 0.11 -1.94 -9.20
N HIS A 35 -0.09 -2.47 -7.99
CA HIS A 35 0.39 -3.80 -7.64
C HIS A 35 -0.45 -4.87 -8.33
N ALA A 36 -1.77 -4.67 -8.35
CA ALA A 36 -2.67 -5.63 -8.97
C ALA A 36 -2.22 -5.97 -10.38
N GLY A 37 -2.33 -7.23 -10.74
CA GLY A 37 -1.92 -7.68 -12.06
C GLY A 37 -2.42 -9.08 -12.38
N GLU A 38 -1.91 -9.63 -13.48
CA GLU A 38 -2.31 -10.97 -13.90
C GLU A 38 -1.22 -11.62 -14.75
N LYS A 39 -1.41 -12.90 -15.08
CA LYS A 39 -0.44 -13.63 -15.88
C LYS A 39 -0.52 -13.21 -17.35
N PRO A 40 0.63 -13.24 -18.03
CA PRO A 40 0.72 -12.88 -19.45
C PRO A 40 0.03 -13.88 -20.36
N SER A 41 -0.54 -14.92 -19.76
CA SER A 41 -1.24 -15.96 -20.52
C SER A 41 -2.54 -16.34 -19.84
N GLY A 42 -3.62 -16.37 -20.62
CA GLY A 42 -4.92 -16.72 -20.08
C GLY A 42 -6.05 -16.44 -21.07
N PRO A 43 -7.28 -16.71 -20.63
CA PRO A 43 -8.48 -16.50 -21.46
C PRO A 43 -8.78 -15.02 -21.67
N SER A 44 -7.91 -14.17 -21.16
CA SER A 44 -8.07 -12.73 -21.28
C SER A 44 -8.77 -12.37 -22.59
N SER A 45 -9.90 -11.67 -22.49
CA SER A 45 -10.67 -11.28 -23.66
C SER A 45 -9.85 -10.36 -24.56
N GLY A 46 -9.15 -10.95 -25.52
CA GLY A 46 -8.33 -10.17 -26.43
C GLY A 46 -7.25 -11.00 -27.11
ZN ZN B . 1.76 -0.27 -2.54
N GLY A 1 16.03 5.24 10.98
CA GLY A 1 16.55 6.49 11.50
C GLY A 1 17.14 7.37 10.43
N SER A 2 17.98 6.79 9.59
CA SER A 2 18.61 7.53 8.51
C SER A 2 17.59 8.30 7.69
N SER A 3 16.58 7.57 7.20
CA SER A 3 15.52 8.17 6.39
C SER A 3 14.79 9.25 7.18
N GLY A 4 14.61 10.42 6.56
CA GLY A 4 13.92 11.51 7.22
C GLY A 4 12.78 12.06 6.38
N SER A 5 11.86 11.18 5.99
CA SER A 5 10.71 11.58 5.17
C SER A 5 9.41 11.25 5.89
N SER A 6 9.33 10.07 6.48
CA SER A 6 8.14 9.64 7.19
C SER A 6 7.47 10.82 7.90
N GLY A 7 8.25 11.52 8.72
CA GLY A 7 7.72 12.67 9.44
C GLY A 7 6.32 12.42 9.96
N THR A 8 5.33 13.00 9.30
CA THR A 8 3.94 12.85 9.69
C THR A 8 3.49 11.40 9.58
N GLY A 9 2.54 11.01 10.43
CA GLY A 9 2.05 9.64 10.40
C GLY A 9 0.54 9.57 10.61
N GLU A 10 -0.18 10.53 10.03
CA GLU A 10 -1.63 10.57 10.16
C GLU A 10 -2.29 9.83 9.01
N ASN A 11 -1.84 8.60 8.77
CA ASN A 11 -2.39 7.78 7.70
C ASN A 11 -2.79 6.40 8.21
N PRO A 12 -4.07 6.26 8.59
CA PRO A 12 -4.60 4.99 9.11
C PRO A 12 -4.69 3.91 8.03
N TYR A 13 -4.37 4.29 6.80
CA TYR A 13 -4.42 3.35 5.68
C TYR A 13 -3.06 3.27 4.98
N GLU A 14 -2.38 2.14 5.19
CA GLU A 14 -1.07 1.93 4.59
C GLU A 14 -1.08 0.71 3.68
N CYS A 15 -0.34 0.78 2.57
CA CYS A 15 -0.27 -0.32 1.62
C CYS A 15 0.56 -1.47 2.19
N HIS A 16 -0.05 -2.65 2.23
CA HIS A 16 0.63 -3.84 2.75
C HIS A 16 1.45 -4.52 1.66
N GLU A 17 1.88 -3.73 0.68
CA GLU A 17 2.69 -4.25 -0.43
C GLU A 17 4.03 -3.53 -0.51
N CYS A 18 3.97 -2.20 -0.48
CA CYS A 18 5.18 -1.39 -0.56
C CYS A 18 5.45 -0.68 0.76
N GLY A 19 4.41 -0.08 1.33
CA GLY A 19 4.55 0.62 2.59
C GLY A 19 4.07 2.06 2.51
N LYS A 20 3.19 2.34 1.56
CA LYS A 20 2.66 3.68 1.38
C LYS A 20 1.62 4.00 2.45
N ALA A 21 1.15 5.25 2.46
CA ALA A 21 0.16 5.68 3.44
C ALA A 21 -0.85 6.63 2.81
N PHE A 22 -2.09 6.57 3.28
CA PHE A 22 -3.15 7.43 2.75
C PHE A 22 -4.09 7.87 3.87
N SER A 23 -4.71 9.03 3.69
CA SER A 23 -5.63 9.56 4.68
C SER A 23 -6.91 8.73 4.75
N ARG A 24 -7.49 8.45 3.59
CA ARG A 24 -8.72 7.66 3.51
C ARG A 24 -8.42 6.26 2.98
N LYS A 25 -9.40 5.37 3.13
CA LYS A 25 -9.24 4.00 2.66
C LYS A 25 -9.12 3.94 1.14
N TYR A 26 -10.08 4.58 0.46
CA TYR A 26 -10.07 4.62 -1.00
C TYR A 26 -8.74 5.13 -1.53
N GLN A 27 -8.20 6.17 -0.88
CA GLN A 27 -6.94 6.76 -1.29
C GLN A 27 -5.85 5.70 -1.40
N LEU A 28 -6.01 4.61 -0.65
CA LEU A 28 -5.05 3.52 -0.66
C LEU A 28 -5.37 2.52 -1.77
N ILE A 29 -6.65 2.19 -1.91
CA ILE A 29 -7.08 1.24 -2.93
C ILE A 29 -6.60 1.66 -4.31
N SER A 30 -6.84 2.94 -4.66
CA SER A 30 -6.42 3.46 -5.95
C SER A 30 -4.94 3.18 -6.21
N HIS A 31 -4.15 3.17 -5.14
CA HIS A 31 -2.72 2.91 -5.25
C HIS A 31 -2.46 1.43 -5.52
N GLN A 32 -3.04 0.57 -4.70
CA GLN A 32 -2.87 -0.87 -4.84
C GLN A 32 -3.03 -1.28 -6.30
N ARG A 33 -3.82 -0.52 -7.05
CA ARG A 33 -4.05 -0.81 -8.46
C ARG A 33 -2.74 -1.10 -9.18
N THR A 34 -1.69 -0.39 -8.79
CA THR A 34 -0.38 -0.57 -9.40
C THR A 34 0.16 -1.98 -9.15
N HIS A 35 -0.05 -2.49 -7.94
CA HIS A 35 0.40 -3.82 -7.57
C HIS A 35 -0.42 -4.89 -8.29
N ALA A 36 -1.72 -4.66 -8.40
CA ALA A 36 -2.60 -5.60 -9.07
C ALA A 36 -1.96 -6.18 -10.33
N GLY A 37 -1.31 -5.31 -11.10
CA GLY A 37 -0.66 -5.76 -12.32
C GLY A 37 -1.63 -6.39 -13.30
N GLU A 38 -1.26 -6.39 -14.58
CA GLU A 38 -2.09 -6.97 -15.62
C GLU A 38 -1.39 -8.12 -16.32
N LYS A 39 -0.71 -8.95 -15.55
CA LYS A 39 0.02 -10.09 -16.10
C LYS A 39 -0.40 -11.38 -15.41
N PRO A 40 -0.86 -12.36 -16.21
CA PRO A 40 -1.30 -13.66 -15.70
C PRO A 40 -0.13 -14.51 -15.18
N SER A 41 -0.43 -15.39 -14.25
CA SER A 41 0.60 -16.26 -13.67
C SER A 41 1.61 -15.45 -12.87
N GLY A 42 1.10 -14.59 -11.99
CA GLY A 42 1.97 -13.75 -11.18
C GLY A 42 1.90 -14.12 -9.71
N PRO A 43 2.71 -15.12 -9.31
CA PRO A 43 2.76 -15.59 -7.92
C PRO A 43 3.41 -14.58 -6.99
N SER A 44 4.53 -14.00 -7.42
CA SER A 44 5.24 -13.02 -6.63
C SER A 44 4.68 -11.61 -6.86
N SER A 45 3.75 -11.21 -5.99
CA SER A 45 3.13 -9.90 -6.11
C SER A 45 4.19 -8.80 -6.15
N GLY A 46 5.16 -8.89 -5.25
CA GLY A 46 6.22 -7.89 -5.21
C GLY A 46 5.82 -6.66 -4.43
ZN ZN B . 1.92 -0.18 -2.52
N GLY A 1 23.29 0.46 18.54
CA GLY A 1 22.34 0.75 17.48
C GLY A 1 21.01 0.02 17.67
N SER A 2 20.28 0.41 18.70
CA SER A 2 18.99 -0.22 18.99
C SER A 2 17.89 0.83 19.09
N SER A 3 17.36 1.24 17.94
CA SER A 3 16.30 2.24 17.90
C SER A 3 15.28 1.90 16.83
N GLY A 4 14.10 2.50 16.94
CA GLY A 4 13.04 2.24 15.98
C GLY A 4 12.57 3.51 15.27
N SER A 5 11.59 3.38 14.39
CA SER A 5 11.06 4.51 13.66
C SER A 5 9.60 4.76 14.01
N SER A 6 9.23 6.02 14.21
CA SER A 6 7.87 6.38 14.56
C SER A 6 7.13 6.95 13.35
N GLY A 7 5.87 6.54 13.19
CA GLY A 7 5.08 7.02 12.07
C GLY A 7 5.07 8.52 11.95
N THR A 8 4.76 9.03 10.76
CA THR A 8 4.72 10.47 10.53
C THR A 8 3.39 10.89 9.91
N GLY A 9 2.60 11.66 10.65
CA GLY A 9 1.32 12.11 10.15
C GLY A 9 0.17 11.24 10.62
N GLU A 10 -0.97 11.36 9.95
CA GLU A 10 -2.16 10.58 10.31
C GLU A 10 -2.67 9.81 9.10
N ASN A 11 -2.12 8.62 8.88
CA ASN A 11 -2.53 7.78 7.78
C ASN A 11 -2.95 6.39 8.26
N PRO A 12 -4.24 6.25 8.60
CA PRO A 12 -4.79 4.97 9.07
C PRO A 12 -4.86 3.92 7.98
N TYR A 13 -4.51 4.31 6.76
CA TYR A 13 -4.53 3.41 5.63
C TYR A 13 -3.15 3.30 4.98
N GLU A 14 -2.47 2.18 5.22
CA GLU A 14 -1.14 1.96 4.67
C GLU A 14 -1.14 0.76 3.73
N CYS A 15 -0.32 0.84 2.68
CA CYS A 15 -0.23 -0.25 1.70
C CYS A 15 0.69 -1.35 2.22
N HIS A 16 0.11 -2.51 2.50
CA HIS A 16 0.87 -3.66 2.99
C HIS A 16 1.73 -4.25 1.88
N GLU A 17 1.58 -3.72 0.67
CA GLU A 17 2.34 -4.21 -0.48
C GLU A 17 3.73 -3.58 -0.51
N CYS A 18 3.78 -2.26 -0.36
CA CYS A 18 5.04 -1.54 -0.39
C CYS A 18 5.29 -0.86 0.95
N GLY A 19 4.25 -0.22 1.49
CA GLY A 19 4.38 0.47 2.77
C GLY A 19 3.95 1.92 2.68
N LYS A 20 3.13 2.25 1.69
CA LYS A 20 2.66 3.61 1.50
C LYS A 20 1.62 3.97 2.56
N ALA A 21 1.21 5.24 2.58
CA ALA A 21 0.22 5.70 3.54
C ALA A 21 -0.78 6.66 2.88
N PHE A 22 -2.03 6.58 3.30
CA PHE A 22 -3.07 7.43 2.75
C PHE A 22 -4.02 7.92 3.85
N SER A 23 -4.71 9.01 3.59
CA SER A 23 -5.65 9.59 4.55
C SER A 23 -6.92 8.76 4.62
N ARG A 24 -7.52 8.50 3.47
CA ARG A 24 -8.75 7.71 3.40
C ARG A 24 -8.47 6.30 2.90
N LYS A 25 -9.45 5.42 3.03
CA LYS A 25 -9.32 4.04 2.60
C LYS A 25 -9.15 3.96 1.08
N TYR A 26 -10.05 4.61 0.35
CA TYR A 26 -10.01 4.61 -1.10
C TYR A 26 -8.66 5.12 -1.61
N GLN A 27 -8.14 6.15 -0.94
CA GLN A 27 -6.87 6.74 -1.31
C GLN A 27 -5.78 5.67 -1.41
N LEU A 28 -5.94 4.60 -0.64
CA LEU A 28 -4.98 3.50 -0.64
C LEU A 28 -5.31 2.50 -1.74
N ILE A 29 -6.58 2.12 -1.83
CA ILE A 29 -7.02 1.16 -2.84
C ILE A 29 -6.55 1.57 -4.23
N SER A 30 -6.79 2.82 -4.59
CA SER A 30 -6.39 3.34 -5.90
C SER A 30 -4.91 3.05 -6.16
N HIS A 31 -4.11 3.12 -5.11
CA HIS A 31 -2.68 2.87 -5.24
C HIS A 31 -2.40 1.39 -5.48
N GLN A 32 -3.04 0.53 -4.68
CA GLN A 32 -2.86 -0.91 -4.81
C GLN A 32 -3.06 -1.35 -6.26
N ARG A 33 -3.90 -0.62 -6.98
CA ARG A 33 -4.17 -0.93 -8.38
C ARG A 33 -2.88 -1.15 -9.16
N THR A 34 -1.87 -0.35 -8.84
CA THR A 34 -0.57 -0.44 -9.51
C THR A 34 0.08 -1.80 -9.26
N HIS A 35 -0.13 -2.33 -8.05
CA HIS A 35 0.44 -3.62 -7.68
C HIS A 35 -0.28 -4.76 -8.41
N ALA A 36 -1.61 -4.72 -8.39
CA ALA A 36 -2.41 -5.75 -9.05
C ALA A 36 -1.79 -6.15 -10.38
N GLY A 37 -2.05 -7.40 -10.78
CA GLY A 37 -1.51 -7.91 -12.03
C GLY A 37 -0.31 -8.80 -11.82
N GLU A 38 0.69 -8.30 -11.12
CA GLU A 38 1.90 -9.06 -10.84
C GLU A 38 1.63 -10.17 -9.83
N LYS A 39 1.45 -11.40 -10.33
CA LYS A 39 1.18 -12.54 -9.47
C LYS A 39 2.02 -12.46 -8.19
N PRO A 40 1.35 -12.50 -7.04
CA PRO A 40 2.00 -12.44 -5.73
C PRO A 40 2.79 -13.71 -5.42
N SER A 41 2.17 -14.86 -5.70
CA SER A 41 2.82 -16.15 -5.44
C SER A 41 2.82 -16.47 -3.95
N GLY A 42 1.68 -16.22 -3.29
CA GLY A 42 1.57 -16.49 -1.88
C GLY A 42 2.17 -15.39 -1.02
N PRO A 43 1.49 -15.04 0.08
CA PRO A 43 1.95 -14.00 0.99
C PRO A 43 3.19 -14.40 1.77
N SER A 44 3.91 -13.42 2.31
CA SER A 44 5.12 -13.69 3.08
C SER A 44 4.78 -13.98 4.53
N SER A 45 3.97 -13.11 5.13
CA SER A 45 3.58 -13.26 6.53
C SER A 45 2.87 -14.60 6.75
N GLY A 46 1.79 -14.82 6.00
CA GLY A 46 1.04 -16.06 6.13
C GLY A 46 -0.42 -15.82 6.48
ZN ZN B . 1.88 -0.16 -2.43
#